data_7PHD
#
_entry.id   7PHD
#
_cell.length_a   60.509
_cell.length_b   101.321
_cell.length_c   62.968
_cell.angle_alpha   90.000
_cell.angle_beta   102.292
_cell.angle_gamma   90.000
#
_symmetry.space_group_name_H-M   'P 1 21 1'
#
loop_
_entity.id
_entity.type
_entity.pdbx_description
1 polymer 'Carminomycin 4-O-methyltransferase DnrK,Methyltransferase domain-containing protein'
2 non-polymer 'SULFATE ION'
3 non-polymer GLYCEROL
4 non-polymer S-ADENOSYLMETHIONINE
5 non-polymer 'methyl (1R,2R,4S)-2-ethyl-2,5,7-trihydroxy-6,11-dioxo-4-{[2,3,6-trideoxy-3-(dimethylamino)-alpha-L-lyxo-hexopyranosyl]oxy}-1,2,3,4,6,11-hexahydrotetracene-1-carboxylate'
6 water water
#
_entity_poly.entity_id   1
_entity_poly.type   'polypeptide(L)'
_entity_poly.pdbx_seq_one_letter_code
;MAHHHHHHHRSTAEPTVAARPQQIDALRTLIRLGSLHTPMVVRTAATLRLVDHILAGARTVKALAARTDTRPEALLRLIR
HLVAIGLLEEDAPGEFVPTEVGELLADDHPAAQRAWHDLTQAVARADISFTRLPDAIRTGRPTYESIYGKPFYEDLAGRP
DLRASFDSLLACDQDVAFDAPAAAYDWTNVRHVLDVGGGKGGFAAAIARRAPHVSATVLEMAGTVDTARSYLKDEGLSDR
VDVVEGDFFEPLPRKADAIILSFVLLNWPDHDAVRILTRCAEALEPGGRILIHERAEAPSGGTRTSDLYFSVLDLRMLVF
LGGALRTREKWDGLAASAGLVVEEVRQLPSPTIPYDLSLLVLAPAATGA
;
_entity_poly.pdbx_strand_id   A,B
#
# COMPACT_ATOMS: atom_id res chain seq x y z
N LEU A 27 -19.91 -1.35 -0.82
CA LEU A 27 -18.89 -2.24 -0.27
C LEU A 27 -17.74 -2.44 -1.24
N ARG A 28 -18.05 -2.70 -2.52
CA ARG A 28 -16.99 -2.90 -3.49
C ARG A 28 -16.13 -1.65 -3.63
N THR A 29 -16.75 -0.48 -3.58
CA THR A 29 -16.00 0.77 -3.69
C THR A 29 -15.03 0.91 -2.51
N LEU A 30 -15.50 0.65 -1.30
CA LEU A 30 -14.66 0.81 -0.12
C LEU A 30 -13.51 -0.18 -0.15
N ILE A 31 -13.80 -1.43 -0.52
CA ILE A 31 -12.73 -2.42 -0.58
C ILE A 31 -11.69 -2.02 -1.62
N ARG A 32 -12.13 -1.45 -2.74
CA ARG A 32 -11.17 -1.03 -3.75
C ARG A 32 -10.31 0.13 -3.24
N LEU A 33 -10.95 1.13 -2.61
CA LEU A 33 -10.18 2.24 -2.06
C LEU A 33 -9.22 1.77 -1.00
N GLY A 34 -9.63 0.80 -0.19
CA GLY A 34 -8.78 0.40 0.89
C GLY A 34 -7.71 -0.63 0.56
N SER A 35 -7.61 -1.08 -0.68
CA SER A 35 -6.74 -2.21 -1.01
C SER A 35 -5.29 -1.77 -1.14
N LEU A 36 -4.44 -2.29 -0.24
CA LEU A 36 -2.99 -2.09 -0.34
C LEU A 36 -2.40 -3.01 -1.40
N HIS A 37 -3.08 -4.12 -1.67
CA HIS A 37 -2.51 -5.16 -2.54
C HIS A 37 -2.35 -4.67 -3.95
N THR A 38 -3.39 -4.06 -4.52
CA THR A 38 -3.29 -3.64 -5.92
C THR A 38 -2.16 -2.66 -6.18
N PRO A 39 -1.99 -1.57 -5.43
CA PRO A 39 -0.85 -0.67 -5.73
C PRO A 39 0.49 -1.36 -5.51
N MET A 40 0.61 -2.30 -4.55
CA MET A 40 1.89 -3.00 -4.44
C MET A 40 2.13 -3.97 -5.59
N VAL A 41 1.06 -4.54 -6.16
CA VAL A 41 1.24 -5.38 -7.34
C VAL A 41 1.70 -4.53 -8.51
N VAL A 42 1.10 -3.36 -8.68
CA VAL A 42 1.54 -2.44 -9.75
C VAL A 42 3.00 -2.05 -9.54
N ARG A 43 3.34 -1.64 -8.31
CA ARG A 43 4.72 -1.22 -8.06
C ARG A 43 5.69 -2.39 -8.22
N THR A 44 5.26 -3.60 -7.87
CA THR A 44 6.16 -4.73 -8.10
C THR A 44 6.35 -4.98 -9.59
N ALA A 45 5.30 -4.88 -10.39
CA ALA A 45 5.47 -5.03 -11.83
C ALA A 45 6.41 -3.98 -12.41
N ALA A 46 6.29 -2.73 -11.95
CA ALA A 46 7.18 -1.67 -12.41
C ALA A 46 8.63 -1.96 -12.03
N THR A 47 8.83 -2.39 -10.79
CA THR A 47 10.18 -2.67 -10.27
C THR A 47 10.83 -3.80 -11.04
N LEU A 48 10.08 -4.83 -11.36
CA LEU A 48 10.60 -5.96 -12.13
C LEU A 48 10.72 -5.65 -13.60
N ARG A 49 10.30 -4.47 -14.07
CA ARG A 49 10.37 -4.13 -15.49
C ARG A 49 9.63 -5.18 -16.33
N LEU A 50 8.53 -5.69 -15.77
CA LEU A 50 7.79 -6.79 -16.39
C LEU A 50 7.28 -6.40 -17.78
N VAL A 51 6.68 -5.21 -17.90
CA VAL A 51 6.11 -4.81 -19.19
C VAL A 51 7.21 -4.63 -20.24
N ASP A 52 8.39 -4.14 -19.83
CA ASP A 52 9.50 -4.00 -20.78
C ASP A 52 9.91 -5.38 -21.31
N HIS A 53 9.97 -6.37 -20.43
CA HIS A 53 10.40 -7.71 -20.85
C HIS A 53 9.36 -8.35 -21.77
N ILE A 54 8.05 -8.13 -21.49
CA ILE A 54 7.02 -8.63 -22.39
C ILE A 54 7.16 -7.98 -23.76
N LEU A 55 7.28 -6.64 -23.79
CA LEU A 55 7.44 -5.93 -25.06
C LEU A 55 8.69 -6.37 -25.81
N ALA A 56 9.70 -6.86 -25.09
CA ALA A 56 10.95 -7.33 -25.67
C ALA A 56 10.93 -8.80 -26.05
N GLY A 57 9.76 -9.46 -26.01
CA GLY A 57 9.59 -10.80 -26.55
C GLY A 57 9.12 -11.85 -25.57
N ALA A 58 9.24 -11.62 -24.27
CA ALA A 58 8.90 -12.66 -23.28
C ALA A 58 7.44 -12.54 -22.91
N ARG A 59 6.58 -13.34 -23.55
CA ARG A 59 5.16 -13.34 -23.24
C ARG A 59 4.76 -14.47 -22.32
N THR A 60 5.61 -15.49 -22.18
CA THR A 60 5.32 -16.65 -21.36
C THR A 60 5.94 -16.50 -20.00
N VAL A 61 5.38 -17.23 -19.03
CA VAL A 61 5.85 -17.12 -17.67
C VAL A 61 7.27 -17.64 -17.53
N LYS A 62 7.63 -18.73 -18.22
CA LYS A 62 8.98 -19.25 -18.06
C LYS A 62 10.02 -18.22 -18.50
N ALA A 63 9.81 -17.60 -19.66
CA ALA A 63 10.77 -16.62 -20.13
C ALA A 63 10.75 -15.37 -19.25
N LEU A 64 9.57 -14.91 -18.84
CA LEU A 64 9.46 -13.71 -18.02
C LEU A 64 10.07 -13.94 -16.64
N ALA A 65 9.89 -15.14 -16.08
CA ALA A 65 10.53 -15.43 -14.81
C ALA A 65 12.04 -15.40 -14.93
N ALA A 66 12.58 -15.86 -16.08
CA ALA A 66 14.02 -15.82 -16.26
C ALA A 66 14.52 -14.39 -16.37
N ARG A 67 13.82 -13.56 -17.14
CA ARG A 67 14.26 -12.19 -17.34
C ARG A 67 14.12 -11.35 -16.08
N THR A 68 13.11 -11.63 -15.26
CA THR A 68 12.89 -10.85 -14.05
C THR A 68 13.59 -11.46 -12.83
N ASP A 69 14.20 -12.65 -12.99
CA ASP A 69 14.84 -13.37 -11.90
C ASP A 69 13.85 -13.64 -10.75
N THR A 70 12.72 -14.24 -11.09
CA THR A 70 11.67 -14.55 -10.11
C THR A 70 11.26 -16.00 -10.24
N ARG A 71 10.49 -16.43 -9.28
CA ARG A 71 10.06 -17.80 -9.21
C ARG A 71 8.84 -17.96 -10.11
N PRO A 72 8.82 -18.85 -11.07
CA PRO A 72 7.68 -18.86 -12.02
C PRO A 72 6.30 -19.01 -11.41
N GLU A 73 6.10 -19.86 -10.39
CA GLU A 73 4.73 -20.04 -9.87
C GLU A 73 4.25 -18.77 -9.19
N ALA A 74 5.18 -18.05 -8.54
CA ALA A 74 4.79 -16.82 -7.87
C ALA A 74 4.62 -15.69 -8.89
N LEU A 75 5.45 -15.66 -9.93
CA LEU A 75 5.21 -14.62 -10.94
C LEU A 75 3.86 -14.81 -11.60
N LEU A 76 3.43 -16.06 -11.81
CA LEU A 76 2.11 -16.27 -12.40
C LEU A 76 1.02 -15.73 -11.49
N ARG A 77 1.20 -15.87 -10.17
CA ARG A 77 0.20 -15.33 -9.26
C ARG A 77 0.16 -13.80 -9.31
N LEU A 78 1.32 -13.15 -9.46
CA LEU A 78 1.36 -11.71 -9.70
C LEU A 78 0.65 -11.36 -11.00
N ILE A 79 0.98 -12.06 -12.09
CA ILE A 79 0.33 -11.84 -13.38
C ILE A 79 -1.19 -11.98 -13.27
N ARG A 80 -1.69 -12.94 -12.48
CA ARG A 80 -3.13 -13.12 -12.38
C ARG A 80 -3.80 -11.85 -11.83
N HIS A 81 -3.14 -11.19 -10.88
CA HIS A 81 -3.66 -9.95 -10.32
C HIS A 81 -3.57 -8.82 -11.36
N LEU A 82 -2.47 -8.77 -12.11
CA LEU A 82 -2.31 -7.73 -13.13
C LEU A 82 -3.35 -7.87 -14.23
N VAL A 83 -3.78 -9.11 -14.53
CA VAL A 83 -4.84 -9.32 -15.51
C VAL A 83 -6.17 -8.84 -14.95
N ALA A 84 -6.45 -9.21 -13.70
CA ALA A 84 -7.71 -8.86 -13.07
C ALA A 84 -7.90 -7.35 -12.99
N ILE A 85 -6.83 -6.59 -12.74
CA ILE A 85 -6.97 -5.13 -12.68
C ILE A 85 -6.80 -4.45 -14.03
N GLY A 86 -6.57 -5.21 -15.11
CA GLY A 86 -6.55 -4.66 -16.46
C GLY A 86 -5.24 -4.07 -16.92
N LEU A 87 -4.10 -4.47 -16.33
CA LEU A 87 -2.83 -4.04 -16.88
C LEU A 87 -2.24 -5.03 -17.88
N LEU A 88 -2.57 -6.31 -17.75
CA LEU A 88 -2.17 -7.33 -18.70
C LEU A 88 -3.41 -8.04 -19.21
N GLU A 89 -3.24 -8.71 -20.33
CA GLU A 89 -4.27 -9.61 -20.82
C GLU A 89 -3.62 -10.85 -21.42
N GLU A 95 0.27 -16.77 -22.76
CA GLU A 95 0.98 -15.65 -23.36
C GLU A 95 0.29 -14.35 -22.96
N PHE A 96 1.02 -13.49 -22.25
CA PHE A 96 0.48 -12.26 -21.68
C PHE A 96 1.04 -11.04 -22.39
N VAL A 97 0.18 -10.05 -22.61
CA VAL A 97 0.54 -8.80 -23.27
C VAL A 97 0.03 -7.60 -22.48
N PRO A 98 0.68 -6.45 -22.55
CA PRO A 98 0.14 -5.29 -21.85
C PRO A 98 -1.11 -4.76 -22.54
N THR A 99 -2.02 -4.25 -21.72
CA THR A 99 -3.15 -3.48 -22.22
C THR A 99 -2.69 -2.06 -22.50
N GLU A 100 -3.63 -1.22 -22.97
CA GLU A 100 -3.29 0.18 -23.21
C GLU A 100 -2.86 0.86 -21.91
N VAL A 101 -3.43 0.45 -20.79
CA VAL A 101 -2.99 1.01 -19.52
C VAL A 101 -1.64 0.42 -19.14
N GLY A 102 -1.46 -0.89 -19.31
CA GLY A 102 -0.19 -1.50 -18.95
C GLY A 102 0.98 -0.97 -19.75
N GLU A 103 0.72 -0.54 -20.99
CA GLU A 103 1.82 -0.03 -21.80
C GLU A 103 2.47 1.22 -21.21
N LEU A 104 1.78 1.90 -20.29
CA LEU A 104 2.32 3.07 -19.59
C LEU A 104 3.47 2.73 -18.64
N LEU A 105 3.71 1.45 -18.37
CA LEU A 105 4.83 0.94 -17.59
C LEU A 105 6.05 0.59 -18.44
N ALA A 106 5.97 0.75 -19.76
CA ALA A 106 7.18 0.73 -20.57
C ALA A 106 8.14 1.81 -20.11
N ASP A 107 9.42 1.45 -19.99
CA ASP A 107 10.41 2.35 -19.42
C ASP A 107 10.62 3.61 -20.24
N ASP A 108 10.36 3.55 -21.54
CA ASP A 108 10.58 4.70 -22.41
C ASP A 108 9.34 5.57 -22.61
N HIS A 109 8.21 5.24 -21.97
CA HIS A 109 7.02 6.06 -22.11
C HIS A 109 7.27 7.42 -21.45
N PRO A 110 6.93 8.53 -22.11
CA PRO A 110 7.39 9.86 -21.63
C PRO A 110 6.81 10.31 -20.31
N ALA A 111 5.73 9.67 -19.81
CA ALA A 111 5.23 10.02 -18.49
C ALA A 111 6.02 9.34 -17.37
N ALA A 112 6.94 8.44 -17.69
CA ALA A 112 7.92 7.93 -16.73
C ALA A 112 7.24 7.23 -15.56
N GLN A 113 6.05 6.65 -15.79
CA GLN A 113 5.30 6.02 -14.69
C GLN A 113 5.96 4.72 -14.21
N ARG A 114 6.78 4.05 -15.02
CA ARG A 114 7.49 2.88 -14.50
C ARG A 114 8.46 3.29 -13.40
N ALA A 115 9.26 4.35 -13.64
CA ALA A 115 10.25 4.80 -12.66
C ALA A 115 9.57 5.39 -11.41
N TRP A 116 8.44 6.09 -11.60
CA TRP A 116 7.72 6.64 -10.46
C TRP A 116 7.08 5.56 -9.60
N HIS A 117 6.91 4.36 -10.12
CA HIS A 117 6.39 3.25 -9.33
C HIS A 117 7.47 2.23 -8.95
N ASP A 118 8.72 2.48 -9.33
CA ASP A 118 9.84 1.58 -9.06
C ASP A 118 10.31 1.69 -7.61
N LEU A 119 10.18 0.59 -6.84
CA LEU A 119 10.52 0.52 -5.43
C LEU A 119 12.01 0.65 -5.18
N THR A 120 12.83 0.54 -6.23
CA THR A 120 14.24 0.78 -6.04
C THR A 120 14.63 2.24 -6.32
N GLN A 121 13.70 3.05 -6.82
CA GLN A 121 13.95 4.46 -7.05
C GLN A 121 13.28 5.30 -5.96
N ALA A 122 13.70 6.59 -5.88
CA ALA A 122 13.54 7.32 -4.63
C ALA A 122 12.09 7.50 -4.21
N VAL A 123 11.17 7.76 -5.16
CA VAL A 123 9.83 8.19 -4.73
C VAL A 123 8.99 7.00 -4.28
N ALA A 124 8.93 5.91 -5.07
CA ALA A 124 8.15 4.77 -4.58
C ALA A 124 8.80 4.17 -3.34
N ARG A 125 10.13 4.25 -3.22
CA ARG A 125 10.76 3.86 -1.97
C ARG A 125 10.28 4.73 -0.81
N ALA A 126 10.26 6.04 -1.00
CA ALA A 126 9.78 6.94 0.05
C ALA A 126 8.32 6.69 0.41
N ASP A 127 7.50 6.29 -0.59
CA ASP A 127 6.08 6.06 -0.36
C ASP A 127 5.81 4.96 0.65
N ILE A 128 6.77 4.06 0.89
CA ILE A 128 6.59 3.10 1.99
C ILE A 128 6.39 3.81 3.32
N SER A 129 6.85 5.06 3.44
CA SER A 129 6.57 5.85 4.65
C SER A 129 5.08 5.91 4.98
N PHE A 130 4.20 5.82 3.96
CA PHE A 130 2.77 5.87 4.23
C PHE A 130 2.28 4.69 5.04
N THR A 131 3.05 3.59 5.16
CA THR A 131 2.63 2.50 6.02
C THR A 131 2.56 2.93 7.49
N ARG A 132 3.20 4.04 7.84
CA ARG A 132 3.15 4.58 9.17
C ARG A 132 2.39 5.89 9.21
N LEU A 133 1.45 6.07 8.29
CA LEU A 133 0.68 7.31 8.27
C LEU A 133 -0.01 7.63 9.60
N PRO A 134 -0.54 6.68 10.38
CA PRO A 134 -1.13 7.07 11.67
C PRO A 134 -0.15 7.83 12.55
N ASP A 135 1.14 7.47 12.53
CA ASP A 135 2.11 8.21 13.34
C ASP A 135 2.23 9.65 12.86
N ALA A 136 2.26 9.85 11.53
CA ALA A 136 2.35 11.19 11.00
C ALA A 136 1.12 12.01 11.38
N ILE A 137 -0.07 11.38 11.43
CA ILE A 137 -1.24 12.15 11.79
C ILE A 137 -1.22 12.47 13.28
N ARG A 138 -0.65 11.57 14.09
CA ARG A 138 -0.59 11.78 15.53
C ARG A 138 0.38 12.90 15.88
N THR A 139 1.50 12.95 15.17
CA THR A 139 2.60 13.86 15.57
C THR A 139 2.85 15.03 14.64
N GLY A 140 2.37 15.00 13.39
CA GLY A 140 2.74 16.05 12.43
C GLY A 140 4.18 15.90 11.94
N ARG A 141 4.82 14.79 12.30
CA ARG A 141 6.24 14.58 11.93
C ARG A 141 6.39 13.48 10.87
N PRO A 142 7.43 13.58 10.02
CA PRO A 142 7.66 12.56 9.01
C PRO A 142 8.02 11.16 9.55
N THR A 143 7.70 10.15 8.75
CA THR A 143 7.93 8.75 9.16
C THR A 143 9.06 8.10 8.33
N TYR A 144 9.63 8.86 7.41
CA TYR A 144 10.65 8.29 6.53
C TYR A 144 11.87 7.83 7.32
N GLU A 145 12.34 8.67 8.24
CA GLU A 145 13.54 8.32 8.99
C GLU A 145 13.33 7.08 9.84
N SER A 146 12.11 6.91 10.36
CA SER A 146 11.84 5.72 11.17
C SER A 146 11.95 4.43 10.37
N ILE A 147 11.77 4.51 9.05
CA ILE A 147 11.87 3.33 8.20
C ILE A 147 13.28 3.17 7.66
N TYR A 148 13.90 4.25 7.20
CA TYR A 148 15.12 4.14 6.42
C TYR A 148 16.36 4.62 7.16
N GLY A 149 16.22 5.19 8.34
CA GLY A 149 17.35 5.44 9.21
C GLY A 149 17.87 6.85 9.19
N LYS A 150 17.52 7.65 8.17
CA LYS A 150 17.98 9.01 8.04
C LYS A 150 16.84 9.83 7.47
N PRO A 151 16.79 11.13 7.75
CA PRO A 151 15.81 11.99 7.06
C PRO A 151 16.09 12.00 5.56
N PHE A 152 15.06 12.39 4.81
CA PHE A 152 15.01 12.22 3.36
C PHE A 152 16.30 12.65 2.65
N TYR A 153 16.67 13.93 2.73
CA TYR A 153 17.83 14.40 1.93
C TYR A 153 19.14 13.86 2.50
N GLU A 154 19.20 13.56 3.79
CA GLU A 154 20.41 12.89 4.30
C GLU A 154 20.54 11.46 3.79
N ASP A 155 19.41 10.74 3.65
CA ASP A 155 19.44 9.40 3.06
C ASP A 155 19.92 9.47 1.62
N LEU A 156 19.35 10.37 0.81
CA LEU A 156 19.82 10.55 -0.56
C LEU A 156 21.31 10.90 -0.60
N ALA A 157 21.79 11.65 0.39
CA ALA A 157 23.19 12.09 0.37
C ALA A 157 24.14 10.93 0.59
N GLY A 158 23.69 9.89 1.29
CA GLY A 158 24.49 8.70 1.44
C GLY A 158 24.26 7.61 0.41
N ARG A 159 23.31 7.79 -0.50
CA ARG A 159 22.96 6.76 -1.48
C ARG A 159 22.96 7.40 -2.86
N PRO A 160 24.09 7.40 -3.55
CA PRO A 160 24.15 8.06 -4.86
C PRO A 160 23.11 7.55 -5.86
N ASP A 161 22.71 6.27 -5.77
CA ASP A 161 21.67 5.77 -6.67
C ASP A 161 20.33 6.45 -6.43
N LEU A 162 19.96 6.63 -5.15
CA LEU A 162 18.69 7.26 -4.82
C LEU A 162 18.74 8.75 -5.13
N ARG A 163 19.88 9.40 -4.84
CA ARG A 163 20.03 10.80 -5.21
C ARG A 163 19.80 10.99 -6.71
N ALA A 164 20.44 10.14 -7.53
CA ALA A 164 20.30 10.27 -8.96
C ALA A 164 18.88 9.96 -9.44
N SER A 165 18.22 8.94 -8.86
CA SER A 165 16.89 8.61 -9.36
C SER A 165 15.89 9.65 -8.92
N PHE A 166 16.07 10.22 -7.71
CA PHE A 166 15.20 11.34 -7.31
C PHE A 166 15.33 12.51 -8.29
N ASP A 167 16.56 12.89 -8.62
CA ASP A 167 16.74 14.02 -9.50
C ASP A 167 16.15 13.74 -10.89
N SER A 168 16.31 12.50 -11.37
CA SER A 168 15.79 12.16 -12.69
C SER A 168 14.28 12.07 -12.71
N LEU A 169 13.66 11.64 -11.60
CA LEU A 169 12.21 11.59 -11.54
C LEU A 169 11.63 12.99 -11.63
N LEU A 170 12.12 13.89 -10.78
CA LEU A 170 11.54 15.25 -10.79
C LEU A 170 11.84 15.99 -12.07
N ALA A 171 12.98 15.70 -12.68
CA ALA A 171 13.39 16.35 -13.93
C ALA A 171 12.91 15.59 -15.16
N CYS A 172 12.02 14.60 -15.01
CA CYS A 172 11.69 13.72 -16.13
C CYS A 172 11.03 14.46 -17.28
N ASP A 173 10.46 15.64 -17.04
CA ASP A 173 9.93 16.42 -18.15
C ASP A 173 10.48 17.84 -18.17
N GLN A 174 11.72 18.03 -17.72
CA GLN A 174 12.21 19.40 -17.49
C GLN A 174 12.46 20.16 -18.78
N ASP A 175 12.49 19.48 -19.93
CA ASP A 175 12.65 20.20 -21.18
C ASP A 175 11.42 21.05 -21.52
N VAL A 176 10.24 20.75 -20.93
CA VAL A 176 9.02 21.48 -21.24
C VAL A 176 8.30 22.02 -19.99
N ALA A 177 8.52 21.38 -18.83
CA ALA A 177 7.72 21.68 -17.66
C ALA A 177 8.02 23.08 -17.09
N PHE A 178 9.09 23.74 -17.51
CA PHE A 178 9.38 25.07 -16.99
C PHE A 178 9.10 26.18 -17.98
N ASP A 179 8.54 25.86 -19.16
CA ASP A 179 8.26 26.89 -20.15
C ASP A 179 7.21 27.86 -19.63
N ALA A 180 6.15 27.32 -19.02
CA ALA A 180 5.07 28.19 -18.54
C ALA A 180 5.53 29.08 -17.38
N PRO A 181 6.20 28.59 -16.33
CA PRO A 181 6.65 29.54 -15.31
C PRO A 181 7.65 30.56 -15.84
N ALA A 182 8.53 30.17 -16.77
CA ALA A 182 9.44 31.16 -17.32
C ALA A 182 8.70 32.24 -18.10
N ALA A 183 7.58 31.90 -18.72
CA ALA A 183 6.84 32.91 -19.48
C ALA A 183 5.85 33.68 -18.63
N ALA A 184 5.74 33.34 -17.35
CA ALA A 184 4.90 34.08 -16.42
C ALA A 184 5.63 35.23 -15.74
N TYR A 185 6.85 35.54 -16.17
CA TYR A 185 7.62 36.61 -15.55
C TYR A 185 8.28 37.40 -16.66
N ASP A 186 8.41 38.71 -16.44
CA ASP A 186 9.06 39.57 -17.41
C ASP A 186 10.52 39.74 -17.03
N TRP A 187 11.41 39.29 -17.91
CA TRP A 187 12.85 39.26 -17.63
C TRP A 187 13.58 40.51 -18.10
N THR A 188 12.83 41.53 -18.55
CA THR A 188 13.46 42.67 -19.23
C THR A 188 14.57 43.30 -18.40
N ASN A 189 14.31 43.54 -17.12
CA ASN A 189 15.27 44.22 -16.26
C ASN A 189 16.00 43.27 -15.34
N VAL A 190 16.08 42.00 -15.70
CA VAL A 190 16.79 41.01 -14.91
C VAL A 190 18.14 40.77 -15.56
N ARG A 191 19.21 40.88 -14.76
CA ARG A 191 20.56 40.56 -15.21
C ARG A 191 21.00 39.17 -14.77
N HIS A 192 20.74 38.78 -13.51
CA HIS A 192 21.18 37.50 -13.03
C HIS A 192 20.07 36.84 -12.22
N VAL A 193 19.97 35.52 -12.39
CA VAL A 193 18.99 34.69 -11.72
C VAL A 193 19.71 33.70 -10.84
N LEU A 194 19.23 33.50 -9.62
CA LEU A 194 19.75 32.44 -8.76
C LEU A 194 18.61 31.45 -8.49
N ASP A 195 18.78 30.22 -8.96
CA ASP A 195 17.78 29.16 -8.75
C ASP A 195 18.20 28.32 -7.54
N VAL A 196 17.51 28.54 -6.44
CA VAL A 196 17.90 27.99 -5.15
C VAL A 196 17.24 26.62 -5.01
N GLY A 197 18.04 25.57 -4.91
CA GLY A 197 17.45 24.22 -4.98
C GLY A 197 16.94 23.88 -6.35
N GLY A 198 17.69 24.26 -7.40
CA GLY A 198 17.21 24.22 -8.78
C GLY A 198 17.26 22.90 -9.53
N GLY A 199 17.43 21.77 -8.84
CA GLY A 199 17.40 20.46 -9.45
C GLY A 199 18.47 20.30 -10.51
N LYS A 200 18.07 19.75 -11.63
CA LYS A 200 19.03 19.57 -12.71
C LYS A 200 19.19 20.81 -13.59
N GLY A 201 18.55 21.92 -13.27
CA GLY A 201 18.79 23.13 -14.00
C GLY A 201 17.78 23.45 -15.06
N GLY A 202 16.69 22.69 -15.14
CA GLY A 202 15.70 22.90 -16.18
C GLY A 202 15.05 24.27 -16.13
N PHE A 203 14.79 24.80 -14.92
CA PHE A 203 14.17 26.11 -14.85
C PHE A 203 15.16 27.19 -15.29
N ALA A 204 16.38 27.14 -14.78
CA ALA A 204 17.38 28.09 -15.24
C ALA A 204 17.54 28.03 -16.75
N ALA A 205 17.46 26.82 -17.31
CA ALA A 205 17.64 26.69 -18.77
C ALA A 205 16.45 27.29 -19.51
N ALA A 206 15.22 27.06 -19.01
CA ALA A 206 14.07 27.65 -19.67
C ALA A 206 14.14 29.18 -19.62
N ILE A 207 14.63 29.74 -18.51
CA ILE A 207 14.74 31.19 -18.43
C ILE A 207 15.81 31.68 -19.39
N ALA A 208 16.92 30.94 -19.49
CA ALA A 208 17.98 31.35 -20.40
C ALA A 208 17.50 31.31 -21.84
N ARG A 209 16.64 30.35 -22.20
CA ARG A 209 16.08 30.33 -23.56
C ARG A 209 15.08 31.46 -23.76
N ARG A 210 14.28 31.76 -22.74
CA ARG A 210 13.30 32.85 -22.84
C ARG A 210 14.00 34.20 -22.95
N ALA A 211 15.14 34.36 -22.29
CA ALA A 211 15.75 35.67 -22.06
C ALA A 211 17.24 35.55 -22.34
N PRO A 212 17.67 35.76 -23.59
CA PRO A 212 19.07 35.53 -23.96
C PRO A 212 20.07 36.41 -23.21
N HIS A 213 19.62 37.52 -22.64
CA HIS A 213 20.50 38.45 -21.94
C HIS A 213 20.79 38.06 -20.50
N VAL A 214 20.06 37.09 -19.91
CA VAL A 214 20.25 36.78 -18.49
C VAL A 214 21.37 35.76 -18.34
N SER A 215 22.07 35.86 -17.23
CA SER A 215 22.91 34.76 -16.77
C SER A 215 22.26 34.20 -15.51
N ALA A 216 22.65 32.97 -15.15
CA ALA A 216 22.00 32.34 -14.00
C ALA A 216 22.98 31.44 -13.27
N THR A 217 22.60 31.13 -12.03
CA THR A 217 23.35 30.25 -11.16
C THR A 217 22.35 29.29 -10.53
N VAL A 218 22.65 28.01 -10.56
CA VAL A 218 21.86 26.97 -9.83
C VAL A 218 22.61 26.63 -8.56
N LEU A 219 21.91 26.63 -7.43
CA LEU A 219 22.48 26.22 -6.15
C LEU A 219 21.86 24.89 -5.81
N GLU A 220 22.68 23.85 -5.58
CA GLU A 220 22.13 22.53 -5.32
C GLU A 220 23.06 21.74 -4.42
N MET A 221 22.63 20.52 -4.11
CA MET A 221 23.32 19.62 -3.19
C MET A 221 24.39 18.83 -3.95
N ALA A 222 25.25 18.16 -3.17
CA ALA A 222 26.23 17.26 -3.78
C ALA A 222 25.54 16.19 -4.60
N GLY A 223 26.24 15.73 -5.65
CA GLY A 223 25.64 14.84 -6.61
C GLY A 223 24.77 15.53 -7.64
N THR A 224 23.68 16.14 -7.18
CA THR A 224 22.79 16.86 -8.07
C THR A 224 23.55 17.90 -8.88
N VAL A 225 24.53 18.58 -8.26
CA VAL A 225 25.25 19.63 -9.00
C VAL A 225 25.95 19.06 -10.23
N ASP A 226 26.41 17.79 -10.14
CA ASP A 226 27.11 17.17 -11.28
C ASP A 226 26.15 16.90 -12.44
N THR A 227 24.93 16.43 -12.14
CA THR A 227 24.03 16.19 -13.25
C THR A 227 23.42 17.49 -13.77
N ALA A 228 23.28 18.52 -12.92
CA ALA A 228 22.89 19.82 -13.46
C ALA A 228 23.96 20.37 -14.40
N ARG A 229 25.24 20.28 -13.98
CA ARG A 229 26.32 20.78 -14.84
C ARG A 229 26.30 20.05 -16.18
N SER A 230 26.13 18.71 -16.17
CA SER A 230 26.11 17.94 -17.41
C SER A 230 24.91 18.31 -18.28
N TYR A 231 23.73 18.49 -17.66
CA TYR A 231 22.54 18.88 -18.42
C TYR A 231 22.73 20.23 -19.09
N LEU A 232 23.20 21.23 -18.34
CA LEU A 232 23.39 22.55 -18.89
C LEU A 232 24.48 22.58 -19.96
N LYS A 233 25.56 21.81 -19.78
CA LYS A 233 26.57 21.74 -20.84
C LYS A 233 25.97 21.18 -22.12
N ASP A 234 25.19 20.10 -22.01
CA ASP A 234 24.59 19.43 -23.16
C ASP A 234 23.44 20.21 -23.77
N GLU A 235 22.92 21.22 -23.05
CA GLU A 235 22.02 22.19 -23.67
C GLU A 235 22.78 23.29 -24.40
N GLY A 236 24.10 23.36 -24.24
CA GLY A 236 24.89 24.45 -24.78
C GLY A 236 24.79 25.71 -23.97
N LEU A 237 24.45 25.58 -22.68
CA LEU A 237 24.22 26.74 -21.85
C LEU A 237 25.32 26.97 -20.82
N SER A 238 26.45 26.27 -20.91
CA SER A 238 27.40 26.28 -19.81
C SER A 238 28.10 27.62 -19.67
N ASP A 239 28.08 28.45 -20.72
CA ASP A 239 28.62 29.78 -20.61
C ASP A 239 27.62 30.79 -20.07
N ARG A 240 26.37 30.39 -19.87
CA ARG A 240 25.35 31.30 -19.34
C ARG A 240 24.81 30.89 -17.98
N VAL A 241 24.94 29.62 -17.59
CA VAL A 241 24.39 29.09 -16.35
C VAL A 241 25.49 28.29 -15.67
N ASP A 242 25.86 28.69 -14.47
CA ASP A 242 26.77 27.90 -13.66
C ASP A 242 26.03 27.27 -12.50
N VAL A 243 26.76 26.44 -11.78
CA VAL A 243 26.17 25.62 -10.72
C VAL A 243 27.11 25.68 -9.55
N VAL A 244 26.56 25.93 -8.36
CA VAL A 244 27.32 25.98 -7.12
C VAL A 244 26.77 24.93 -6.16
N GLU A 245 27.65 24.20 -5.52
CA GLU A 245 27.27 23.24 -4.49
C GLU A 245 27.21 23.96 -3.16
N GLY A 246 26.10 23.82 -2.45
CA GLY A 246 25.99 24.50 -1.18
CA GLY A 246 25.99 24.50 -1.18
C GLY A 246 24.70 24.18 -0.48
N ASP A 247 24.45 24.94 0.57
CA ASP A 247 23.36 24.71 1.51
C ASP A 247 22.52 25.96 1.60
N PHE A 248 21.26 25.88 1.14
CA PHE A 248 20.48 27.11 1.13
C PHE A 248 19.99 27.58 2.50
N PHE A 249 20.40 26.92 3.59
CA PHE A 249 20.23 27.50 4.91
C PHE A 249 21.42 28.40 5.31
N GLU A 250 22.50 28.37 4.55
CA GLU A 250 23.63 29.22 4.79
C GLU A 250 23.57 30.45 3.88
N PRO A 251 24.38 31.47 4.15
CA PRO A 251 24.39 32.64 3.27
C PRO A 251 24.51 32.20 1.81
N LEU A 252 23.72 32.79 0.95
CA LEU A 252 23.72 32.30 -0.42
C LEU A 252 24.99 32.76 -1.13
N PRO A 253 25.36 32.11 -2.24
CA PRO A 253 26.71 32.33 -2.78
C PRO A 253 26.87 33.65 -3.48
N ARG A 254 25.79 34.25 -3.98
CA ARG A 254 25.86 35.55 -4.62
C ARG A 254 24.49 36.20 -4.54
N LYS A 255 24.42 37.46 -4.94
CA LYS A 255 23.16 38.19 -5.06
C LYS A 255 22.57 38.01 -6.45
N ALA A 256 21.29 38.38 -6.59
CA ALA A 256 20.62 38.23 -7.88
C ALA A 256 19.40 39.14 -7.95
N ASP A 257 18.96 39.41 -9.19
CA ASP A 257 17.75 40.20 -9.42
C ASP A 257 16.48 39.36 -9.30
N ALA A 258 16.58 38.07 -9.57
CA ALA A 258 15.43 37.18 -9.41
C ALA A 258 15.98 35.94 -8.75
N ILE A 259 15.35 35.53 -7.65
CA ILE A 259 15.74 34.32 -6.93
C ILE A 259 14.57 33.36 -6.96
N ILE A 260 14.83 32.13 -7.42
CA ILE A 260 13.76 31.17 -7.70
C ILE A 260 13.74 30.09 -6.62
N LEU A 261 12.53 29.78 -6.13
CA LEU A 261 12.25 28.66 -5.25
C LEU A 261 11.15 27.84 -5.91
N SER A 262 11.54 26.81 -6.69
CA SER A 262 10.59 25.99 -7.42
C SER A 262 10.47 24.63 -6.73
N PHE A 263 9.31 24.36 -6.13
CA PHE A 263 9.06 23.12 -5.40
C PHE A 263 10.17 22.83 -4.42
N VAL A 264 10.47 23.87 -3.64
CA VAL A 264 11.43 23.80 -2.56
C VAL A 264 10.71 23.95 -1.23
N LEU A 265 9.93 25.02 -1.07
CA LEU A 265 9.43 25.34 0.27
C LEU A 265 8.43 24.32 0.77
N LEU A 266 7.70 23.67 -0.14
CA LEU A 266 6.79 22.61 0.31
C LEU A 266 7.50 21.45 1.00
N ASN A 267 8.84 21.34 0.87
CA ASN A 267 9.61 20.29 1.56
C ASN A 267 9.86 20.61 3.04
N TRP A 268 9.44 21.79 3.52
CA TRP A 268 9.95 22.32 4.80
C TRP A 268 8.83 22.79 5.69
N PRO A 269 8.94 22.54 6.98
CA PRO A 269 8.02 23.18 7.92
C PRO A 269 8.24 24.70 7.94
N ASP A 270 7.24 25.37 8.51
CA ASP A 270 7.18 26.83 8.47
C ASP A 270 8.48 27.47 8.89
N HIS A 271 9.07 27.02 10.00
CA HIS A 271 10.23 27.73 10.52
C HIS A 271 11.41 27.58 9.56
N ASP A 272 11.54 26.41 8.93
CA ASP A 272 12.59 26.24 7.94
C ASP A 272 12.29 27.02 6.66
N ALA A 273 11.02 27.03 6.21
CA ALA A 273 10.72 27.82 5.01
C ALA A 273 11.02 29.30 5.24
N VAL A 274 10.74 29.80 6.44
CA VAL A 274 11.06 31.19 6.72
C VAL A 274 12.56 31.44 6.66
N ARG A 275 13.37 30.49 7.18
CA ARG A 275 14.82 30.60 7.08
C ARG A 275 15.26 30.70 5.63
N ILE A 276 14.71 29.84 4.77
CA ILE A 276 15.11 29.85 3.38
C ILE A 276 14.71 31.18 2.75
N LEU A 277 13.47 31.60 2.99
CA LEU A 277 13.02 32.88 2.43
C LEU A 277 13.89 34.03 2.89
N THR A 278 14.31 34.01 4.17
CA THR A 278 15.15 35.09 4.68
C THR A 278 16.52 35.10 4.01
N ARG A 279 17.13 33.92 3.78
CA ARG A 279 18.40 33.87 3.04
C ARG A 279 18.23 34.43 1.66
N CYS A 280 17.09 34.14 1.02
CA CYS A 280 16.85 34.69 -0.30
C CYS A 280 16.65 36.20 -0.24
N ALA A 281 15.92 36.69 0.75
CA ALA A 281 15.72 38.13 0.89
C ALA A 281 17.07 38.85 1.07
N GLU A 282 17.97 38.25 1.86
CA GLU A 282 19.29 38.85 2.09
C GLU A 282 20.09 38.96 0.81
N ALA A 283 19.81 38.09 -0.15
CA ALA A 283 20.61 38.03 -1.36
C ALA A 283 19.98 38.78 -2.53
N LEU A 284 18.89 39.51 -2.32
CA LEU A 284 18.28 40.23 -3.44
C LEU A 284 19.08 41.48 -3.77
N GLU A 285 19.26 41.73 -5.06
CA GLU A 285 19.72 43.05 -5.52
C GLU A 285 18.61 44.08 -5.31
N PRO A 286 18.95 45.37 -5.30
CA PRO A 286 17.88 46.39 -5.27
C PRO A 286 16.89 46.18 -6.40
N GLY A 287 15.60 46.24 -6.06
CA GLY A 287 14.54 46.00 -7.01
C GLY A 287 14.30 44.54 -7.33
N GLY A 288 15.02 43.64 -6.70
CA GLY A 288 14.89 42.24 -7.03
C GLY A 288 13.67 41.58 -6.42
N ARG A 289 13.34 40.39 -6.93
CA ARG A 289 12.15 39.68 -6.49
C ARG A 289 12.47 38.22 -6.28
N ILE A 290 11.70 37.61 -5.38
CA ILE A 290 11.73 36.17 -5.14
C ILE A 290 10.54 35.54 -5.85
N LEU A 291 10.80 34.48 -6.62
CA LEU A 291 9.77 33.79 -7.40
C LEU A 291 9.57 32.41 -6.80
N ILE A 292 8.35 32.14 -6.34
CA ILE A 292 7.98 30.83 -5.77
C ILE A 292 7.12 30.11 -6.78
N HIS A 293 7.55 28.92 -7.17
CA HIS A 293 6.80 28.10 -8.11
C HIS A 293 6.30 26.89 -7.35
N GLU A 294 4.98 26.83 -7.13
CA GLU A 294 4.37 25.83 -6.28
C GLU A 294 2.88 25.79 -6.54
N SER A 306 -7.79 17.08 -9.28
CA SER A 306 -6.86 18.06 -8.81
C SER A 306 -6.82 18.02 -7.29
N ASP A 307 -7.99 17.95 -6.69
CA ASP A 307 -8.03 17.90 -5.26
C ASP A 307 -7.28 16.69 -4.79
N PHE A 310 -3.33 16.89 -5.41
CA PHE A 310 -2.74 17.80 -4.45
CA PHE A 310 -2.75 17.85 -4.41
C PHE A 310 -2.74 17.34 -2.93
N SER A 311 -3.77 16.57 -2.61
CA SER A 311 -3.80 16.03 -1.26
C SER A 311 -2.70 14.97 -1.21
N VAL A 312 -2.47 14.28 -2.34
CA VAL A 312 -1.38 13.31 -2.40
C VAL A 312 -0.02 14.02 -2.20
N LEU A 313 0.19 15.08 -2.97
CA LEU A 313 1.45 15.81 -2.79
C LEU A 313 1.60 16.35 -1.38
N ASP A 314 0.53 16.91 -0.82
CA ASP A 314 0.60 17.43 0.54
C ASP A 314 0.90 16.34 1.55
N LEU A 315 0.24 15.17 1.42
CA LEU A 315 0.50 14.10 2.36
C LEU A 315 1.89 13.51 2.18
N ARG A 316 2.38 13.44 0.92
CA ARG A 316 3.77 13.06 0.72
C ARG A 316 4.72 14.00 1.44
N MET A 317 4.50 15.31 1.32
CA MET A 317 5.35 16.21 2.11
C MET A 317 5.28 15.94 3.60
N LEU A 318 4.08 15.72 4.15
CA LEU A 318 3.97 15.37 5.57
C LEU A 318 4.81 14.14 5.91
N VAL A 319 4.59 13.03 5.19
CA VAL A 319 5.22 11.77 5.61
C VAL A 319 6.68 11.68 5.25
N PHE A 320 7.10 12.32 4.15
CA PHE A 320 8.50 12.24 3.76
C PHE A 320 9.37 13.23 4.52
N LEU A 321 8.85 14.44 4.75
CA LEU A 321 9.67 15.61 5.09
C LEU A 321 9.12 16.48 6.22
N GLY A 322 7.87 16.31 6.63
CA GLY A 322 7.24 17.27 7.53
C GLY A 322 6.85 18.58 6.87
N GLY A 323 6.84 18.63 5.54
CA GLY A 323 6.50 19.83 4.81
C GLY A 323 5.01 19.88 4.60
N ALA A 324 4.60 20.75 3.67
CA ALA A 324 3.18 20.95 3.42
C ALA A 324 2.98 21.82 2.20
N LEU A 325 1.82 21.68 1.57
CA LEU A 325 1.34 22.69 0.64
C LEU A 325 0.70 23.83 1.44
N ARG A 326 0.76 25.03 0.88
CA ARG A 326 0.29 26.21 1.57
C ARG A 326 -0.73 26.97 0.74
N THR A 327 -1.77 27.50 1.41
CA THR A 327 -2.74 28.35 0.73
C THR A 327 -2.20 29.78 0.69
N ARG A 328 -2.95 30.67 0.03
CA ARG A 328 -2.54 32.07 -0.10
C ARG A 328 -2.36 32.75 1.25
N GLU A 329 -3.33 32.58 2.16
CA GLU A 329 -3.21 33.23 3.46
C GLU A 329 -1.97 32.75 4.20
N LYS A 330 -1.61 31.47 4.04
CA LYS A 330 -0.39 30.98 4.68
C LYS A 330 0.84 31.59 4.04
N TRP A 331 0.84 31.73 2.71
CA TRP A 331 1.94 32.42 2.03
C TRP A 331 2.09 33.86 2.50
N ASP A 332 0.96 34.55 2.73
CA ASP A 332 1.06 35.91 3.25
C ASP A 332 1.76 35.95 4.60
N GLY A 333 1.46 34.99 5.48
CA GLY A 333 2.13 34.98 6.78
C GLY A 333 3.60 34.59 6.70
N LEU A 334 3.91 33.55 5.90
CA LEU A 334 5.32 33.19 5.72
C LEU A 334 6.10 34.37 5.14
N ALA A 335 5.55 35.01 4.12
CA ALA A 335 6.20 36.16 3.54
C ALA A 335 6.46 37.22 4.59
N ALA A 336 5.46 37.50 5.44
CA ALA A 336 5.63 38.54 6.44
C ALA A 336 6.71 38.18 7.46
N SER A 337 6.79 36.90 7.85
CA SER A 337 7.84 36.50 8.81
C SER A 337 9.24 36.67 8.23
N ALA A 338 9.38 36.58 6.90
CA ALA A 338 10.68 36.75 6.26
C ALA A 338 10.95 38.17 5.79
N GLY A 339 10.08 39.13 6.16
CA GLY A 339 10.26 40.51 5.73
C GLY A 339 9.82 40.78 4.30
N LEU A 340 8.91 39.95 3.78
CA LEU A 340 8.50 40.00 2.38
C LEU A 340 6.99 40.24 2.30
N VAL A 341 6.55 40.57 1.10
CA VAL A 341 5.13 40.67 0.81
C VAL A 341 4.89 40.00 -0.54
N VAL A 342 3.76 39.33 -0.67
CA VAL A 342 3.33 38.75 -1.95
C VAL A 342 2.81 39.88 -2.83
N GLU A 343 3.56 40.20 -3.88
CA GLU A 343 3.24 41.29 -4.79
C GLU A 343 2.26 40.87 -5.87
N GLU A 344 2.35 39.63 -6.34
CA GLU A 344 1.50 39.16 -7.43
C GLU A 344 1.52 37.64 -7.47
N VAL A 345 0.44 37.05 -7.97
CA VAL A 345 0.37 35.60 -8.14
C VAL A 345 -0.11 35.32 -9.56
N ARG A 346 0.67 34.56 -10.32
CA ARG A 346 0.29 34.13 -11.65
C ARG A 346 -0.19 32.68 -11.61
N GLN A 347 -1.38 32.43 -12.16
CA GLN A 347 -1.80 31.05 -12.34
C GLN A 347 -1.15 30.48 -13.60
N LEU A 348 -0.80 29.19 -13.55
CA LEU A 348 -0.03 28.55 -14.59
C LEU A 348 -0.76 27.34 -15.16
N LEU A 357 -0.99 25.21 -11.14
CA LEU A 357 0.10 25.69 -10.31
C LEU A 357 0.15 27.20 -10.34
N SER A 358 1.06 27.76 -9.53
CA SER A 358 1.17 29.20 -9.40
C SER A 358 2.63 29.63 -9.42
N LEU A 359 2.85 30.88 -9.79
CA LEU A 359 4.11 31.56 -9.60
C LEU A 359 3.84 32.74 -8.69
N LEU A 360 4.36 32.69 -7.46
CA LEU A 360 4.19 33.81 -6.54
C LEU A 360 5.42 34.72 -6.62
N VAL A 361 5.18 36.02 -6.68
CA VAL A 361 6.25 37.00 -6.80
C VAL A 361 6.29 37.79 -5.50
N LEU A 362 7.43 37.72 -4.81
CA LEU A 362 7.56 38.31 -3.49
C LEU A 362 8.58 39.45 -3.53
N ALA A 363 8.26 40.55 -2.86
CA ALA A 363 9.12 41.71 -2.77
C ALA A 363 9.44 42.02 -1.32
N PRO A 364 10.53 42.73 -1.04
CA PRO A 364 10.76 43.16 0.35
C PRO A 364 9.60 44.04 0.82
N ALA A 365 9.22 43.88 2.07
CA ALA A 365 8.02 44.53 2.61
C ALA A 365 8.20 46.04 2.72
N LEU B 27 -3.53 7.16 -18.35
CA LEU B 27 -2.60 7.60 -17.32
C LEU B 27 -3.30 7.74 -15.98
N ARG B 28 -4.49 8.34 -15.97
CA ARG B 28 -5.21 8.49 -14.72
C ARG B 28 -5.55 7.13 -14.10
N THR B 29 -5.91 6.16 -14.94
CA THR B 29 -6.22 4.81 -14.45
C THR B 29 -4.99 4.18 -13.80
N LEU B 30 -3.83 4.28 -14.45
CA LEU B 30 -2.63 3.66 -13.90
C LEU B 30 -2.25 4.30 -12.58
N ILE B 31 -2.28 5.64 -12.52
CA ILE B 31 -1.92 6.32 -11.28
C ILE B 31 -2.87 5.90 -10.16
N ARG B 32 -4.15 5.74 -10.49
CA ARG B 32 -5.11 5.33 -9.46
C ARG B 32 -4.82 3.91 -8.96
N LEU B 33 -4.65 2.97 -9.89
CA LEU B 33 -4.28 1.61 -9.52
C LEU B 33 -3.00 1.57 -8.70
N GLY B 34 -2.03 2.39 -9.06
CA GLY B 34 -0.76 2.35 -8.37
C GLY B 34 -0.68 3.09 -7.05
N SER B 35 -1.73 3.78 -6.62
CA SER B 35 -1.59 4.72 -5.51
C SER B 35 -1.55 3.97 -4.17
N LEU B 36 -0.42 4.04 -3.47
CA LEU B 36 -0.33 3.48 -2.12
C LEU B 36 -0.95 4.39 -1.08
N HIS B 37 -1.03 5.70 -1.37
CA HIS B 37 -1.49 6.63 -0.34
C HIS B 37 -2.97 6.44 -0.05
N THR B 38 -3.80 6.18 -1.07
CA THR B 38 -5.24 6.13 -0.81
C THR B 38 -5.60 4.98 0.12
N PRO B 39 -5.14 3.75 -0.09
CA PRO B 39 -5.46 2.69 0.86
C PRO B 39 -4.90 2.96 2.26
N MET B 40 -3.75 3.62 2.37
CA MET B 40 -3.22 3.89 3.70
C MET B 40 -4.03 4.97 4.40
N VAL B 41 -4.60 5.91 3.63
CA VAL B 41 -5.51 6.90 4.22
C VAL B 41 -6.79 6.22 4.71
N VAL B 42 -7.34 5.31 3.91
CA VAL B 42 -8.52 4.58 4.35
C VAL B 42 -8.21 3.78 5.62
N ARG B 43 -7.07 3.06 5.62
CA ARG B 43 -6.72 2.23 6.77
C ARG B 43 -6.44 3.10 7.99
N THR B 44 -5.84 4.28 7.79
CA THR B 44 -5.63 5.16 8.93
C THR B 44 -6.95 5.64 9.49
N ALA B 45 -7.89 6.01 8.61
CA ALA B 45 -9.20 6.43 9.11
C ALA B 45 -9.88 5.32 9.89
N ALA B 46 -9.81 4.08 9.40
CA ALA B 46 -10.40 2.95 10.13
C ALA B 46 -9.75 2.75 11.48
N THR B 47 -8.42 2.85 11.51
CA THR B 47 -7.65 2.63 12.74
C THR B 47 -7.96 3.67 13.80
N LEU B 48 -8.10 4.92 13.37
CA LEU B 48 -8.48 6.03 14.25
C LEU B 48 -9.94 6.01 14.62
N ARG B 49 -10.75 5.11 14.04
CA ARG B 49 -12.18 5.03 14.31
C ARG B 49 -12.86 6.37 14.00
N LEU B 50 -12.36 7.05 12.96
CA LEU B 50 -12.80 8.40 12.68
C LEU B 50 -14.30 8.45 12.39
N VAL B 51 -14.81 7.51 11.61
CA VAL B 51 -16.23 7.56 11.25
C VAL B 51 -17.10 7.30 12.47
N ASP B 52 -16.67 6.43 13.39
CA ASP B 52 -17.42 6.23 14.65
C ASP B 52 -17.49 7.52 15.44
N HIS B 53 -16.40 8.26 15.52
CA HIS B 53 -16.39 9.49 16.30
C HIS B 53 -17.27 10.56 15.68
N ILE B 54 -17.27 10.66 14.34
CA ILE B 54 -18.15 11.60 13.66
C ILE B 54 -19.62 11.24 13.92
N LEU B 55 -19.96 9.96 13.79
CA LEU B 55 -21.35 9.57 14.02
C LEU B 55 -21.77 9.79 15.46
N ALA B 56 -20.81 9.77 16.39
CA ALA B 56 -21.10 10.06 17.79
C ALA B 56 -21.14 11.55 18.09
N GLY B 57 -21.05 12.40 17.08
CA GLY B 57 -21.19 13.82 17.25
C GLY B 57 -19.93 14.65 17.27
N ALA B 58 -18.82 14.14 16.75
CA ALA B 58 -17.62 14.96 16.54
C ALA B 58 -17.49 15.23 15.05
N ARG B 59 -18.07 16.32 14.58
CA ARG B 59 -17.96 16.70 13.17
C ARG B 59 -16.81 17.68 12.89
N THR B 60 -16.31 18.38 13.91
CA THR B 60 -15.26 19.37 13.71
C THR B 60 -13.89 18.76 13.94
N VAL B 61 -12.87 19.39 13.33
CA VAL B 61 -11.53 18.85 13.46
C VAL B 61 -11.05 18.96 14.90
N LYS B 62 -11.42 20.04 15.61
CA LYS B 62 -10.93 20.15 16.98
C LYS B 62 -11.45 19.01 17.85
N ALA B 63 -12.75 18.70 17.74
CA ALA B 63 -13.31 17.61 18.53
C ALA B 63 -12.78 16.26 18.04
N LEU B 64 -12.68 16.08 16.73
CA LEU B 64 -12.21 14.81 16.20
C LEU B 64 -10.73 14.58 16.54
N ALA B 65 -9.92 15.64 16.48
CA ALA B 65 -8.54 15.52 16.89
C ALA B 65 -8.41 15.17 18.36
N ALA B 66 -9.31 15.68 19.21
CA ALA B 66 -9.27 15.28 20.60
C ALA B 66 -9.64 13.81 20.79
N ARG B 67 -10.71 13.37 20.12
CA ARG B 67 -11.17 11.99 20.27
C ARG B 67 -10.20 10.97 19.70
N THR B 68 -9.50 11.32 18.62
CA THR B 68 -8.57 10.37 17.99
C THR B 68 -7.17 10.51 18.54
N ASP B 69 -6.92 11.51 19.39
CA ASP B 69 -5.60 11.83 19.92
C ASP B 69 -4.61 12.09 18.77
N THR B 70 -4.98 13.00 17.90
CA THR B 70 -4.12 13.37 16.75
C THR B 70 -3.92 14.87 16.71
N ARG B 71 -2.95 15.28 15.90
CA ARG B 71 -2.62 16.68 15.75
C ARG B 71 -3.64 17.32 14.81
N PRO B 72 -4.36 18.36 15.23
CA PRO B 72 -5.46 18.88 14.37
C PRO B 72 -5.05 19.25 12.94
N GLU B 73 -3.90 19.89 12.72
CA GLU B 73 -3.53 20.30 11.37
C GLU B 73 -3.28 19.10 10.46
N ALA B 74 -2.69 18.05 11.01
CA ALA B 74 -2.46 16.83 10.22
C ALA B 74 -3.74 16.05 10.02
N LEU B 75 -4.61 16.03 11.04
CA LEU B 75 -5.88 15.31 10.83
C LEU B 75 -6.69 15.98 9.73
N LEU B 76 -6.65 17.31 9.63
CA LEU B 76 -7.39 17.96 8.56
C LEU B 76 -6.85 17.57 7.19
N ARG B 77 -5.52 17.43 7.09
CA ARG B 77 -4.92 17.01 5.83
C ARG B 77 -5.34 15.58 5.47
N LEU B 78 -5.49 14.70 6.48
CA LEU B 78 -6.05 13.38 6.23
C LEU B 78 -7.48 13.51 5.73
N ILE B 79 -8.28 14.33 6.41
CA ILE B 79 -9.68 14.52 6.04
C ILE B 79 -9.80 15.05 4.62
N ARG B 80 -8.89 15.94 4.21
CA ARG B 80 -8.94 16.43 2.84
C ARG B 80 -8.86 15.30 1.83
N HIS B 81 -8.02 14.30 2.09
CA HIS B 81 -7.95 13.16 1.16
C HIS B 81 -9.19 12.29 1.27
N LEU B 82 -9.71 12.11 2.49
CA LEU B 82 -10.94 11.34 2.63
C LEU B 82 -12.12 12.00 1.91
N VAL B 83 -12.12 13.34 1.83
CA VAL B 83 -13.13 14.03 1.04
C VAL B 83 -12.88 13.80 -0.44
N ALA B 84 -11.63 13.93 -0.87
CA ALA B 84 -11.29 13.79 -2.28
C ALA B 84 -11.64 12.41 -2.83
N ILE B 85 -11.56 11.34 -2.01
CA ILE B 85 -11.86 10.00 -2.49
C ILE B 85 -13.29 9.58 -2.21
N GLY B 86 -14.09 10.47 -1.61
CA GLY B 86 -15.51 10.21 -1.45
C GLY B 86 -15.94 9.43 -0.23
N LEU B 87 -15.15 9.39 0.83
CA LEU B 87 -15.57 8.78 2.10
C LEU B 87 -16.16 9.80 3.08
N LEU B 88 -15.73 11.05 3.01
CA LEU B 88 -16.29 12.10 3.84
C LEU B 88 -16.78 13.24 2.95
N GLU B 89 -17.65 14.06 3.53
CA GLU B 89 -18.06 15.28 2.87
C GLU B 89 -18.13 16.39 3.91
N GLY B 94 -16.07 23.46 8.24
CA GLY B 94 -15.41 22.82 9.36
C GLY B 94 -16.13 21.62 9.96
N GLU B 95 -17.20 21.14 9.34
CA GLU B 95 -17.94 19.99 9.83
C GLU B 95 -17.99 18.90 8.76
N PHE B 96 -17.61 17.68 9.13
CA PHE B 96 -17.50 16.60 8.15
C PHE B 96 -18.43 15.46 8.53
N VAL B 97 -19.01 14.82 7.53
CA VAL B 97 -19.91 13.69 7.74
C VAL B 97 -19.52 12.58 6.78
N PRO B 98 -19.78 11.32 7.11
CA PRO B 98 -19.52 10.25 6.15
C PRO B 98 -20.50 10.24 4.98
N THR B 99 -19.97 9.82 3.84
CA THR B 99 -20.81 9.51 2.70
C THR B 99 -21.40 8.12 2.90
N GLU B 100 -22.21 7.68 1.92
CA GLU B 100 -22.74 6.31 1.99
C GLU B 100 -21.62 5.29 2.01
N VAL B 101 -20.53 5.54 1.26
CA VAL B 101 -19.40 4.60 1.28
C VAL B 101 -18.66 4.71 2.61
N GLY B 102 -18.47 5.95 3.11
CA GLY B 102 -17.77 6.12 4.38
C GLY B 102 -18.51 5.51 5.55
N GLU B 103 -19.85 5.44 5.47
CA GLU B 103 -20.61 4.80 6.52
C GLU B 103 -20.20 3.36 6.75
N LEU B 104 -19.61 2.69 5.75
CA LEU B 104 -19.20 1.31 5.93
C LEU B 104 -18.04 1.16 6.90
N LEU B 105 -17.38 2.26 7.31
CA LEU B 105 -16.34 2.22 8.33
C LEU B 105 -16.87 2.35 9.75
N ALA B 106 -18.18 2.49 9.91
CA ALA B 106 -18.78 2.43 11.23
C ALA B 106 -18.52 1.06 11.82
N ASP B 107 -18.09 1.03 13.09
CA ASP B 107 -17.64 -0.23 13.70
C ASP B 107 -18.75 -1.28 13.74
N ASP B 108 -20.02 -0.88 13.62
CA ASP B 108 -21.13 -1.81 13.76
C ASP B 108 -21.73 -2.20 12.42
N HIS B 109 -21.12 -1.79 11.31
CA HIS B 109 -21.65 -2.17 10.03
C HIS B 109 -21.42 -3.66 9.80
N PRO B 110 -22.41 -4.37 9.23
CA PRO B 110 -22.34 -5.85 9.16
C PRO B 110 -21.19 -6.39 8.34
N ALA B 111 -20.66 -5.64 7.38
CA ALA B 111 -19.52 -6.11 6.59
C ALA B 111 -18.19 -6.00 7.34
N ALA B 112 -18.19 -5.33 8.49
CA ALA B 112 -17.02 -5.29 9.39
C ALA B 112 -15.79 -4.71 8.71
N GLN B 113 -15.96 -3.81 7.75
CA GLN B 113 -14.80 -3.31 7.03
C GLN B 113 -13.89 -2.45 7.90
N ARG B 114 -14.39 -1.84 8.99
CA ARG B 114 -13.48 -1.08 9.86
C ARG B 114 -12.40 -1.98 10.46
N ALA B 115 -12.78 -3.15 10.99
CA ALA B 115 -11.81 -4.04 11.62
C ALA B 115 -10.87 -4.64 10.59
N TRP B 116 -11.39 -4.93 9.39
CA TRP B 116 -10.56 -5.49 8.33
C TRP B 116 -9.56 -4.48 7.80
N HIS B 117 -9.76 -3.20 8.07
CA HIS B 117 -8.81 -2.18 7.65
C HIS B 117 -8.02 -1.58 8.82
N ASP B 118 -8.22 -2.07 10.03
CA ASP B 118 -7.59 -1.54 11.24
C ASP B 118 -6.17 -2.06 11.39
N LEU B 119 -5.18 -1.14 11.35
CA LEU B 119 -3.76 -1.46 11.40
C LEU B 119 -3.32 -2.02 12.73
N THR B 120 -4.12 -1.85 13.79
CA THR B 120 -3.83 -2.49 15.07
C THR B 120 -4.36 -3.92 15.16
N GLN B 121 -5.15 -4.35 14.17
CA GLN B 121 -5.70 -5.70 14.17
C GLN B 121 -4.95 -6.56 13.14
N ALA B 122 -5.12 -7.88 13.26
CA ALA B 122 -4.11 -8.81 12.70
C ALA B 122 -3.99 -8.70 11.18
N VAL B 123 -5.10 -8.53 10.46
CA VAL B 123 -5.06 -8.69 9.01
C VAL B 123 -4.48 -7.44 8.34
N ALA B 124 -4.95 -6.24 8.70
CA ALA B 124 -4.36 -5.08 8.05
C ALA B 124 -2.92 -4.89 8.50
N ARG B 125 -2.61 -5.30 9.74
CA ARG B 125 -1.21 -5.31 10.18
C ARG B 125 -0.37 -6.23 9.30
N ALA B 126 -0.87 -7.43 9.03
CA ALA B 126 -0.16 -8.38 8.19
C ALA B 126 0.00 -7.85 6.78
N ASP B 127 -1.01 -7.10 6.28
CA ASP B 127 -0.95 -6.57 4.91
C ASP B 127 0.27 -5.68 4.67
N ILE B 128 0.86 -5.11 5.73
CA ILE B 128 2.09 -4.35 5.52
C ILE B 128 3.18 -5.21 4.90
N SER B 129 3.08 -6.55 5.05
CA SER B 129 4.01 -7.46 4.38
C SER B 129 4.05 -7.27 2.87
N PHE B 130 2.96 -6.75 2.28
CA PHE B 130 2.96 -6.51 0.85
C PHE B 130 3.95 -5.45 0.44
N THR B 131 4.47 -4.65 1.37
CA THR B 131 5.52 -3.70 0.98
C THR B 131 6.77 -4.40 0.49
N ARG B 132 6.92 -5.68 0.80
CA ARG B 132 8.03 -6.47 0.31
C ARG B 132 7.58 -7.50 -0.71
N LEU B 133 6.50 -7.20 -1.44
CA LEU B 133 6.01 -8.16 -2.42
C LEU B 133 7.07 -8.60 -3.42
N PRO B 134 7.99 -7.75 -3.91
CA PRO B 134 9.00 -8.24 -4.83
C PRO B 134 9.79 -9.40 -4.28
N ASP B 135 10.11 -9.39 -2.97
CA ASP B 135 10.85 -10.51 -2.40
C ASP B 135 10.05 -11.79 -2.49
N ALA B 136 8.73 -11.72 -2.22
CA ALA B 136 7.91 -12.91 -2.25
C ALA B 136 7.78 -13.46 -3.67
N ILE B 137 7.77 -12.59 -4.67
CA ILE B 137 7.74 -13.07 -6.05
C ILE B 137 9.08 -13.67 -6.43
N ARG B 138 10.17 -13.13 -5.89
CA ARG B 138 11.53 -13.65 -6.18
C ARG B 138 11.75 -15.02 -5.57
N THR B 139 11.27 -15.22 -4.34
CA THR B 139 11.59 -16.42 -3.57
C THR B 139 10.45 -17.39 -3.42
N GLY B 140 9.19 -16.94 -3.59
CA GLY B 140 8.09 -17.80 -3.23
C GLY B 140 7.88 -17.95 -1.75
N ARG B 141 8.62 -17.17 -0.92
CA ARG B 141 8.59 -17.28 0.51
C ARG B 141 7.92 -16.05 1.16
N PRO B 142 7.22 -16.24 2.29
CA PRO B 142 6.53 -15.11 2.92
C PRO B 142 7.48 -14.05 3.44
N THR B 143 6.98 -12.81 3.49
CA THR B 143 7.77 -11.67 3.95
C THR B 143 7.36 -11.20 5.35
N TYR B 144 6.35 -11.80 5.94
CA TYR B 144 5.84 -11.33 7.23
C TYR B 144 6.91 -11.40 8.32
N GLU B 145 7.65 -12.49 8.38
CA GLU B 145 8.67 -12.61 9.42
C GLU B 145 9.74 -11.53 9.28
N SER B 146 10.09 -11.17 8.05
CA SER B 146 11.11 -10.15 7.89
C SER B 146 10.67 -8.79 8.42
N ILE B 147 9.36 -8.54 8.51
CA ILE B 147 8.84 -7.28 9.02
C ILE B 147 8.59 -7.36 10.51
N TYR B 148 8.00 -8.45 10.98
CA TYR B 148 7.49 -8.51 12.34
C TYR B 148 8.29 -9.41 13.27
N GLY B 149 9.24 -10.18 12.76
CA GLY B 149 10.21 -10.87 13.59
C GLY B 149 9.94 -12.34 13.80
N LYS B 150 8.71 -12.80 13.58
CA LYS B 150 8.30 -14.19 13.73
C LYS B 150 7.37 -14.54 12.60
N PRO B 151 7.28 -15.82 12.24
CA PRO B 151 6.25 -16.25 11.26
C PRO B 151 4.88 -15.97 11.83
N PHE B 152 3.89 -15.94 10.93
CA PHE B 152 2.54 -15.46 11.26
C PHE B 152 2.00 -16.03 12.58
N TYR B 153 1.80 -17.35 12.65
CA TYR B 153 1.10 -17.91 13.82
C TYR B 153 1.96 -17.84 15.07
N GLU B 154 3.28 -17.82 14.92
CA GLU B 154 4.11 -17.63 16.11
C GLU B 154 4.07 -16.19 16.61
N ASP B 155 3.93 -15.22 15.70
CA ASP B 155 3.72 -13.85 16.12
C ASP B 155 2.41 -13.72 16.89
N LEU B 156 1.33 -14.31 16.35
CA LEU B 156 0.06 -14.28 17.07
C LEU B 156 0.17 -14.96 18.42
N ALA B 157 0.96 -16.02 18.51
CA ALA B 157 1.07 -16.74 19.78
C ALA B 157 1.72 -15.89 20.85
N GLY B 158 2.58 -14.96 20.47
CA GLY B 158 3.17 -14.02 21.42
C GLY B 158 2.41 -12.75 21.66
N ARG B 159 1.33 -12.50 20.94
CA ARG B 159 0.59 -11.24 21.03
C ARG B 159 -0.88 -11.58 21.20
N PRO B 160 -1.36 -11.72 22.43
CA PRO B 160 -2.77 -12.12 22.61
C PRO B 160 -3.77 -11.19 21.96
N ASP B 161 -3.46 -9.89 21.87
CA ASP B 161 -4.36 -8.94 21.19
C ASP B 161 -4.51 -9.29 19.71
N LEU B 162 -3.41 -9.65 19.06
CA LEU B 162 -3.47 -9.98 17.63
C LEU B 162 -4.12 -11.33 17.42
N ARG B 163 -3.77 -12.30 18.28
CA ARG B 163 -4.46 -13.59 18.27
C ARG B 163 -5.97 -13.40 18.35
N ALA B 164 -6.44 -12.59 19.32
CA ALA B 164 -7.88 -12.40 19.47
C ALA B 164 -8.47 -11.65 18.28
N SER B 165 -7.78 -10.64 17.74
CA SER B 165 -8.41 -9.92 16.63
C SER B 165 -8.41 -10.80 15.39
N PHE B 166 -7.35 -11.61 15.18
CA PHE B 166 -7.38 -12.53 14.06
C PHE B 166 -8.59 -13.45 14.17
N ASP B 167 -8.80 -14.03 15.37
CA ASP B 167 -9.89 -14.97 15.49
C ASP B 167 -11.23 -14.29 15.31
N SER B 168 -11.39 -13.06 15.83
CA SER B 168 -12.69 -12.41 15.66
C SER B 168 -12.94 -11.97 14.23
N LEU B 169 -11.88 -11.61 13.51
CA LEU B 169 -12.05 -11.20 12.12
C LEU B 169 -12.59 -12.36 11.33
N LEU B 170 -11.94 -13.50 11.50
CA LEU B 170 -12.38 -14.68 10.73
C LEU B 170 -13.76 -15.14 11.21
N ASP B 173 -18.78 -13.65 10.96
CA ASP B 173 -20.19 -14.01 10.64
C ASP B 173 -20.41 -15.51 10.87
N GLN B 174 -19.76 -16.10 11.88
CA GLN B 174 -19.82 -17.58 12.07
C GLN B 174 -21.21 -18.09 12.43
N ALA B 177 -22.38 -18.35 8.49
CA ALA B 177 -21.42 -18.63 7.39
C ALA B 177 -21.14 -20.12 7.22
N PHE B 178 -21.48 -20.92 8.23
CA PHE B 178 -21.18 -22.37 8.14
C PHE B 178 -22.46 -23.17 7.91
N ASP B 179 -23.58 -22.48 7.72
CA ASP B 179 -24.86 -23.17 7.49
C ASP B 179 -24.81 -23.93 6.15
N ALA B 180 -24.39 -23.27 5.07
CA ALA B 180 -24.36 -23.95 3.77
C ALA B 180 -23.37 -25.11 3.74
N PRO B 181 -22.11 -24.97 4.21
CA PRO B 181 -21.23 -26.15 4.21
C PRO B 181 -21.74 -27.27 5.10
N ALA B 182 -22.30 -26.95 6.27
CA ALA B 182 -22.87 -28.01 7.09
C ALA B 182 -24.04 -28.69 6.39
N ALA B 183 -24.82 -27.94 5.60
CA ALA B 183 -25.96 -28.54 4.91
C ALA B 183 -25.54 -29.39 3.72
N ALA B 184 -24.30 -29.24 3.26
CA ALA B 184 -23.81 -29.92 2.07
C ALA B 184 -23.27 -31.30 2.36
N TYR B 185 -23.38 -31.77 3.59
CA TYR B 185 -22.90 -33.10 3.94
C TYR B 185 -23.97 -33.85 4.70
N ASP B 186 -24.09 -35.15 4.42
CA ASP B 186 -25.05 -36.03 5.09
C ASP B 186 -24.43 -36.57 6.37
N TRP B 187 -24.97 -36.14 7.52
CA TRP B 187 -24.44 -36.52 8.82
C TRP B 187 -25.06 -37.79 9.41
N THR B 188 -25.91 -38.48 8.64
CA THR B 188 -26.66 -39.62 9.17
C THR B 188 -25.76 -40.66 9.82
N ASN B 189 -24.66 -41.01 9.16
CA ASN B 189 -23.79 -42.07 9.64
C ASN B 189 -22.62 -41.54 10.45
N VAL B 190 -22.66 -40.29 10.87
CA VAL B 190 -21.55 -39.67 11.57
C VAL B 190 -21.87 -39.64 13.05
N ARG B 191 -20.98 -40.22 13.85
CA ARG B 191 -21.04 -40.13 15.30
C ARG B 191 -20.20 -38.98 15.85
N HIS B 192 -19.00 -38.75 15.30
CA HIS B 192 -18.15 -37.72 15.86
C HIS B 192 -17.41 -36.99 14.75
N VAL B 193 -17.33 -35.67 14.91
CA VAL B 193 -16.66 -34.78 13.97
C VAL B 193 -15.46 -34.18 14.67
N LEU B 194 -14.31 -34.13 13.97
CA LEU B 194 -13.14 -33.43 14.48
C LEU B 194 -12.86 -32.25 13.54
N ASP B 195 -12.95 -31.02 14.06
CA ASP B 195 -12.70 -29.82 13.25
C ASP B 195 -11.29 -29.32 13.55
N VAL B 196 -10.40 -29.57 12.59
CA VAL B 196 -8.96 -29.39 12.76
C VAL B 196 -8.62 -27.96 12.38
N GLY B 197 -8.16 -27.17 13.35
CA GLY B 197 -7.94 -25.75 13.08
C GLY B 197 -9.27 -25.02 12.99
N GLY B 198 -10.21 -25.38 13.87
CA GLY B 198 -11.61 -24.96 13.70
C GLY B 198 -11.99 -23.59 14.24
N GLY B 199 -11.02 -22.72 14.51
CA GLY B 199 -11.35 -21.35 14.83
C GLY B 199 -12.10 -21.26 16.14
N LYS B 200 -13.11 -20.39 16.15
CA LYS B 200 -13.92 -20.27 17.37
C LYS B 200 -14.98 -21.35 17.47
N GLY B 201 -15.05 -22.31 16.55
CA GLY B 201 -15.99 -23.40 16.70
C GLY B 201 -17.31 -23.22 15.95
N GLY B 202 -17.40 -22.20 15.10
CA GLY B 202 -18.64 -21.97 14.37
C GLY B 202 -19.05 -23.13 13.47
N PHE B 203 -18.09 -23.82 12.83
CA PHE B 203 -18.47 -24.91 11.94
C PHE B 203 -18.98 -26.09 12.75
N ALA B 204 -18.26 -26.46 13.81
CA ALA B 204 -18.73 -27.53 14.69
C ALA B 204 -20.12 -27.21 15.22
N ALA B 205 -20.38 -25.94 15.53
CA ALA B 205 -21.69 -25.56 16.08
C ALA B 205 -22.77 -25.70 15.03
N ALA B 206 -22.49 -25.24 13.80
CA ALA B 206 -23.46 -25.40 12.74
C ALA B 206 -23.78 -26.87 12.50
N ILE B 207 -22.78 -27.74 12.59
CA ILE B 207 -23.07 -29.15 12.41
C ILE B 207 -23.89 -29.66 13.56
N ALA B 208 -23.58 -29.21 14.78
CA ALA B 208 -24.29 -29.68 15.97
C ALA B 208 -25.77 -29.33 15.89
N ARG B 209 -26.09 -28.10 15.45
CA ARG B 209 -27.49 -27.69 15.30
C ARG B 209 -28.20 -28.45 14.21
N HIS B 213 -27.60 -35.66 16.81
CA HIS B 213 -26.95 -36.88 17.27
C HIS B 213 -25.43 -36.80 17.25
N VAL B 214 -24.84 -35.80 16.58
CA VAL B 214 -23.40 -35.72 16.38
C VAL B 214 -22.74 -35.04 17.59
N SER B 215 -21.58 -35.57 17.99
CA SER B 215 -20.70 -34.85 18.90
C SER B 215 -19.49 -34.37 18.11
N ALA B 216 -18.83 -33.35 18.63
CA ALA B 216 -17.72 -32.77 17.87
C ALA B 216 -16.60 -32.34 18.81
N THR B 217 -15.40 -32.24 18.23
CA THR B 217 -14.23 -31.74 18.92
C THR B 217 -13.55 -30.72 18.01
N VAL B 218 -13.22 -29.56 18.56
CA VAL B 218 -12.43 -28.54 17.87
C VAL B 218 -10.99 -28.65 18.34
N LEU B 219 -10.05 -28.76 17.39
CA LEU B 219 -8.62 -28.73 17.72
C LEU B 219 -8.07 -27.36 17.32
N GLU B 220 -7.46 -26.63 18.27
CA GLU B 220 -7.00 -25.27 17.96
C GLU B 220 -5.79 -24.90 18.80
N MET B 221 -5.29 -23.69 18.53
CA MET B 221 -4.07 -23.19 19.16
C MET B 221 -4.40 -22.55 20.50
N ALA B 222 -3.35 -22.32 21.30
CA ALA B 222 -3.50 -21.57 22.56
C ALA B 222 -4.15 -20.22 22.30
N GLY B 223 -4.94 -19.75 23.28
CA GLY B 223 -5.71 -18.55 23.09
C GLY B 223 -7.04 -18.77 22.39
N THR B 224 -6.97 -19.19 21.12
CA THR B 224 -8.15 -19.48 20.35
C THR B 224 -9.01 -20.52 21.06
N VAL B 225 -8.39 -21.50 21.71
CA VAL B 225 -9.21 -22.52 22.37
C VAL B 225 -10.12 -21.91 23.42
N ASP B 226 -9.66 -20.86 24.11
CA ASP B 226 -10.48 -20.24 25.16
C ASP B 226 -11.69 -19.52 24.57
N THR B 227 -11.52 -18.80 23.45
CA THR B 227 -12.68 -18.17 22.86
C THR B 227 -13.60 -19.17 22.17
N ALA B 228 -13.06 -20.27 21.65
CA ALA B 228 -13.94 -21.30 21.13
C ALA B 228 -14.78 -21.90 22.25
N ARG B 229 -14.14 -22.20 23.38
CA ARG B 229 -14.89 -22.78 24.51
C ARG B 229 -15.96 -21.82 24.99
N SER B 230 -15.65 -20.51 25.06
CA SER B 230 -16.66 -19.55 25.48
C SER B 230 -17.78 -19.42 24.47
N TYR B 231 -17.46 -19.44 23.16
CA TYR B 231 -18.51 -19.36 22.14
C TYR B 231 -19.43 -20.55 22.25
N LEU B 232 -18.84 -21.74 22.41
CA LEU B 232 -19.65 -22.95 22.41
C LEU B 232 -20.50 -23.05 23.67
N LYS B 233 -19.95 -22.63 24.82
CA LYS B 233 -20.75 -22.54 26.04
C LYS B 233 -21.92 -21.60 25.87
N ASP B 234 -21.68 -20.43 25.27
CA ASP B 234 -22.72 -19.42 25.15
C ASP B 234 -23.73 -19.75 24.05
N GLU B 235 -23.43 -20.74 23.20
CA GLU B 235 -24.44 -21.31 22.32
C GLU B 235 -25.23 -22.43 23.00
N GLY B 236 -24.88 -22.81 24.22
CA GLY B 236 -25.52 -23.93 24.87
C GLY B 236 -25.11 -25.27 24.30
N LEU B 237 -23.90 -25.36 23.73
CA LEU B 237 -23.45 -26.55 23.04
C LEU B 237 -22.30 -27.25 23.74
N SER B 238 -21.96 -26.84 24.95
CA SER B 238 -20.75 -27.33 25.57
C SER B 238 -20.83 -28.81 25.92
N ASP B 239 -22.03 -29.37 26.02
CA ASP B 239 -22.18 -30.81 26.20
C ASP B 239 -22.14 -31.58 24.89
N ARG B 240 -22.05 -30.90 23.75
CA ARG B 240 -21.96 -31.56 22.45
C ARG B 240 -20.65 -31.32 21.72
N VAL B 241 -19.94 -30.25 22.04
CA VAL B 241 -18.72 -29.86 21.34
C VAL B 241 -17.66 -29.56 22.40
N ASP B 242 -16.53 -30.23 22.33
CA ASP B 242 -15.44 -29.87 23.21
C ASP B 242 -14.31 -29.30 22.38
N VAL B 243 -13.29 -28.82 23.08
CA VAL B 243 -12.17 -28.11 22.45
C VAL B 243 -10.89 -28.67 23.04
N VAL B 244 -9.92 -28.98 22.18
CA VAL B 244 -8.61 -29.46 22.59
C VAL B 244 -7.54 -28.54 22.03
N GLU B 245 -6.61 -28.15 22.89
CA GLU B 245 -5.45 -27.37 22.49
C GLU B 245 -4.36 -28.31 21.98
N GLY B 246 -3.84 -28.04 20.79
CA GLY B 246 -2.71 -28.79 20.32
C GLY B 246 -2.33 -28.39 18.91
N ASP B 247 -1.61 -29.29 18.25
CA ASP B 247 -0.84 -28.97 17.05
C ASP B 247 -1.23 -30.00 16.00
N PHE B 248 -1.83 -29.55 14.88
CA PHE B 248 -2.31 -30.53 13.91
C PHE B 248 -1.20 -31.13 13.03
N PHE B 249 0.07 -30.80 13.29
CA PHE B 249 1.17 -31.55 12.74
C PHE B 249 1.53 -32.78 13.59
N GLU B 250 1.02 -32.87 14.79
CA GLU B 250 1.23 -33.97 15.69
C GLU B 250 0.09 -34.95 15.57
N PRO B 251 0.22 -36.16 16.10
CA PRO B 251 -0.88 -37.11 16.00
C PRO B 251 -2.14 -36.46 16.58
N LEU B 252 -3.23 -36.62 15.89
CA LEU B 252 -4.46 -35.90 16.29
C LEU B 252 -4.97 -36.47 17.62
N PRO B 253 -5.74 -35.69 18.40
CA PRO B 253 -6.16 -36.13 19.73
C PRO B 253 -7.10 -37.33 19.77
N ARG B 254 -7.86 -37.53 18.70
CA ARG B 254 -8.83 -38.65 18.64
C ARG B 254 -9.19 -38.96 17.20
N LYS B 255 -9.88 -40.07 17.01
CA LYS B 255 -10.42 -40.47 15.72
C LYS B 255 -11.82 -39.88 15.54
N ALA B 256 -12.26 -39.84 14.28
CA ALA B 256 -13.58 -39.30 13.97
C ALA B 256 -14.08 -39.88 12.65
N ASP B 257 -15.40 -39.76 12.45
CA ASP B 257 -16.03 -40.17 11.20
C ASP B 257 -15.93 -39.10 10.13
N ALA B 258 -15.81 -37.84 10.52
CA ALA B 258 -15.61 -36.76 9.59
C ALA B 258 -14.61 -35.83 10.23
N ILE B 259 -13.59 -35.46 9.46
CA ILE B 259 -12.55 -34.54 9.90
C ILE B 259 -12.56 -33.36 8.95
N ILE B 260 -12.71 -32.16 9.52
CA ILE B 260 -12.90 -30.94 8.74
C ILE B 260 -11.62 -30.13 8.70
N LEU B 261 -11.32 -29.58 7.52
CA LEU B 261 -10.22 -28.62 7.31
C LEU B 261 -10.88 -27.45 6.60
N SER B 262 -11.31 -26.43 7.36
CA SER B 262 -11.97 -25.28 6.75
C SER B 262 -11.00 -24.09 6.75
N PHE B 263 -10.59 -23.65 5.55
CA PHE B 263 -9.66 -22.54 5.39
C PHE B 263 -8.44 -22.74 6.29
N VAL B 264 -7.91 -23.96 6.22
CA VAL B 264 -6.66 -24.33 6.87
C VAL B 264 -5.57 -24.56 5.86
N LEU B 265 -5.82 -25.42 4.85
CA LEU B 265 -4.74 -25.87 3.99
C LEU B 265 -4.15 -24.75 3.13
N LEU B 266 -4.93 -23.73 2.84
CA LEU B 266 -4.43 -22.58 2.05
C LEU B 266 -3.31 -21.80 2.75
N ASN B 267 -3.17 -22.02 4.04
CA ASN B 267 -2.13 -21.36 4.82
C ASN B 267 -0.80 -22.05 4.73
N TRP B 268 -0.76 -23.15 4.02
CA TRP B 268 0.44 -23.98 3.99
C TRP B 268 0.99 -24.39 2.64
N PRO B 269 2.32 -24.39 2.53
CA PRO B 269 2.91 -24.97 1.31
C PRO B 269 2.56 -26.46 1.20
N ASP B 270 2.73 -26.99 -0.02
CA ASP B 270 2.27 -28.34 -0.34
C ASP B 270 2.79 -29.37 0.67
N HIS B 271 4.07 -29.28 1.03
CA HIS B 271 4.60 -30.33 1.90
C HIS B 271 3.95 -30.32 3.27
N ASP B 272 3.66 -29.13 3.82
CA ASP B 272 2.95 -29.04 5.09
C ASP B 272 1.50 -29.43 4.93
N ALA B 273 0.87 -29.02 3.84
CA ALA B 273 -0.52 -29.42 3.62
C ALA B 273 -0.64 -30.94 3.55
N VAL B 274 0.33 -31.60 2.91
CA VAL B 274 0.32 -33.05 2.86
C VAL B 274 0.47 -33.65 4.26
N ARG B 275 1.34 -33.06 5.10
CA ARG B 275 1.49 -33.54 6.47
C ARG B 275 0.17 -33.46 7.23
N ILE B 276 -0.53 -32.33 7.11
CA ILE B 276 -1.80 -32.19 7.82
C ILE B 276 -2.79 -33.21 7.30
N LEU B 277 -2.87 -33.37 5.97
CA LEU B 277 -3.81 -34.33 5.39
C LEU B 277 -3.50 -35.74 5.86
N THR B 278 -2.23 -36.04 6.02
CA THR B 278 -1.85 -37.38 6.46
C THR B 278 -2.24 -37.60 7.93
N ARG B 279 -2.02 -36.61 8.79
CA ARG B 279 -2.50 -36.74 10.16
C ARG B 279 -3.99 -36.98 10.19
N CYS B 280 -4.74 -36.30 9.31
CA CYS B 280 -6.18 -36.49 9.29
C CYS B 280 -6.54 -37.89 8.80
N ALA B 281 -5.86 -38.35 7.76
CA ALA B 281 -6.14 -39.68 7.23
C ALA B 281 -5.91 -40.74 8.30
N GLU B 282 -4.86 -40.58 9.11
CA GLU B 282 -4.53 -41.57 10.12
C GLU B 282 -5.52 -41.54 11.27
N ALA B 283 -6.29 -40.48 11.38
CA ALA B 283 -7.28 -40.36 12.44
C ALA B 283 -8.69 -40.72 12.00
N LEU B 284 -8.90 -41.18 10.75
CA LEU B 284 -10.23 -41.50 10.29
C LEU B 284 -10.67 -42.84 10.89
N GLU B 285 -11.89 -42.86 11.42
CA GLU B 285 -12.58 -44.11 11.67
C GLU B 285 -12.84 -44.81 10.35
N PRO B 286 -13.06 -46.13 10.36
CA PRO B 286 -13.40 -46.82 9.12
C PRO B 286 -14.67 -46.24 8.50
N GLY B 287 -14.64 -46.05 7.19
CA GLY B 287 -15.68 -45.34 6.45
C GLY B 287 -15.67 -43.82 6.61
N GLY B 288 -14.71 -43.27 7.33
CA GLY B 288 -14.70 -41.84 7.56
C GLY B 288 -14.25 -41.04 6.34
N ARG B 289 -14.45 -39.72 6.40
CA ARG B 289 -14.08 -38.84 5.29
C ARG B 289 -13.45 -37.58 5.83
N ILE B 290 -12.58 -36.99 5.03
CA ILE B 290 -12.02 -35.67 5.30
C ILE B 290 -12.79 -34.67 4.46
N LEU B 291 -13.21 -33.58 5.08
CA LEU B 291 -13.98 -32.53 4.43
C LEU B 291 -13.14 -31.26 4.37
N ILE B 292 -12.85 -30.78 3.17
CA ILE B 292 -12.07 -29.56 2.97
C ILE B 292 -13.01 -28.45 2.55
N HIS B 293 -13.05 -27.38 3.33
CA HIS B 293 -13.89 -26.22 2.97
C HIS B 293 -13.09 -25.01 2.53
N GLU B 294 -13.02 -24.79 1.23
CA GLU B 294 -12.13 -23.77 0.66
C GLU B 294 -12.54 -23.49 -0.78
N ARG B 295 -11.64 -22.92 -1.54
CA ARG B 295 -11.88 -22.69 -2.97
C ARG B 295 -11.34 -23.90 -3.74
N ALA B 296 -12.07 -24.37 -4.73
CA ALA B 296 -11.67 -25.55 -5.50
C ALA B 296 -12.29 -25.49 -6.90
N GLU B 297 -11.99 -24.42 -7.63
CA GLU B 297 -12.54 -24.22 -8.96
C GLU B 297 -11.46 -24.46 -10.02
N ALA B 298 -11.90 -24.59 -11.27
CA ALA B 298 -10.97 -24.49 -12.38
C ALA B 298 -10.43 -23.06 -12.47
N PRO B 299 -9.23 -22.87 -13.03
CA PRO B 299 -8.64 -21.52 -13.06
C PRO B 299 -9.35 -20.54 -13.98
N SER B 300 -10.46 -20.91 -14.61
CA SER B 300 -11.20 -20.05 -15.51
C SER B 300 -12.56 -19.70 -14.88
N GLY B 301 -13.43 -19.07 -15.68
CA GLY B 301 -14.76 -18.72 -15.20
C GLY B 301 -14.76 -17.45 -14.36
N GLY B 302 -15.91 -17.21 -13.71
CA GLY B 302 -16.07 -16.06 -12.84
C GLY B 302 -16.03 -14.73 -13.61
N THR B 303 -15.86 -13.67 -12.83
CA THR B 303 -15.79 -12.31 -13.35
C THR B 303 -14.48 -11.69 -12.90
N ARG B 304 -14.14 -10.53 -13.45
CA ARG B 304 -12.96 -9.84 -12.96
C ARG B 304 -13.09 -9.52 -11.47
N THR B 305 -14.31 -9.29 -10.98
CA THR B 305 -14.52 -8.96 -9.57
C THR B 305 -14.15 -10.12 -8.66
N SER B 306 -14.62 -11.33 -8.99
CA SER B 306 -14.23 -12.49 -8.18
C SER B 306 -12.77 -12.87 -8.41
N ASP B 307 -12.28 -12.71 -9.64
CA ASP B 307 -10.86 -12.93 -9.89
C ASP B 307 -10.01 -12.07 -8.96
N LEU B 308 -10.39 -10.80 -8.82
CA LEU B 308 -9.61 -9.90 -7.97
C LEU B 308 -9.69 -10.32 -6.52
N TYR B 309 -10.90 -10.64 -6.06
CA TYR B 309 -11.09 -10.98 -4.66
C TYR B 309 -10.25 -12.18 -4.28
N PHE B 310 -10.23 -13.21 -5.14
CA PHE B 310 -9.46 -14.40 -4.84
C PHE B 310 -7.99 -14.21 -5.14
N SER B 311 -7.63 -13.30 -6.05
CA SER B 311 -6.22 -12.95 -6.19
C SER B 311 -5.67 -12.39 -4.88
N VAL B 312 -6.44 -11.50 -4.25
CA VAL B 312 -5.99 -10.93 -2.97
C VAL B 312 -5.78 -12.03 -1.94
N LEU B 313 -6.76 -12.93 -1.82
CA LEU B 313 -6.60 -14.01 -0.83
C LEU B 313 -5.39 -14.88 -1.14
N ASP B 314 -5.16 -15.21 -2.41
CA ASP B 314 -4.04 -16.06 -2.78
C ASP B 314 -2.73 -15.36 -2.53
N LEU B 315 -2.67 -14.06 -2.88
CA LEU B 315 -1.43 -13.33 -2.62
C LEU B 315 -1.22 -13.11 -1.12
N ARG B 316 -2.29 -12.92 -0.34
CA ARG B 316 -2.12 -12.85 1.11
C ARG B 316 -1.53 -14.16 1.62
N MET B 317 -2.00 -15.30 1.10
CA MET B 317 -1.38 -16.51 1.60
C MET B 317 0.08 -16.58 1.24
N LEU B 318 0.47 -16.14 0.04
CA LEU B 318 1.89 -16.14 -0.32
C LEU B 318 2.70 -15.29 0.64
N VAL B 319 2.27 -14.05 0.83
CA VAL B 319 3.08 -13.08 1.53
C VAL B 319 3.08 -13.28 3.04
N PHE B 320 1.97 -13.77 3.58
CA PHE B 320 1.86 -13.95 5.03
C PHE B 320 2.43 -15.28 5.46
N LEU B 321 2.23 -16.33 4.64
CA LEU B 321 2.38 -17.70 5.10
C LEU B 321 3.14 -18.61 4.15
N GLY B 322 3.39 -18.21 2.90
CA GLY B 322 3.88 -19.14 1.90
C GLY B 322 2.84 -20.14 1.43
N GLY B 323 1.56 -19.92 1.70
CA GLY B 323 0.52 -20.82 1.27
C GLY B 323 0.00 -20.41 -0.09
N ALA B 324 -1.16 -20.97 -0.45
CA ALA B 324 -1.76 -20.69 -1.75
C ALA B 324 -3.18 -21.22 -1.85
N LEU B 325 -3.97 -20.60 -2.72
CA LEU B 325 -5.18 -21.27 -3.21
C LEU B 325 -4.84 -22.34 -4.23
N ARG B 326 -5.65 -23.39 -4.27
CA ARG B 326 -5.39 -24.52 -5.14
C ARG B 326 -6.57 -24.77 -6.06
N THR B 327 -6.28 -25.04 -7.32
CA THR B 327 -7.32 -25.40 -8.27
C THR B 327 -7.81 -26.81 -8.01
N ARG B 328 -8.99 -27.10 -8.56
CA ARG B 328 -9.55 -28.44 -8.45
C ARG B 328 -8.53 -29.50 -8.84
N GLU B 329 -7.70 -29.21 -9.85
CA GLU B 329 -6.74 -30.21 -10.29
C GLU B 329 -5.57 -30.35 -9.31
N LYS B 330 -5.12 -29.25 -8.71
CA LYS B 330 -4.07 -29.35 -7.71
C LYS B 330 -4.54 -30.13 -6.47
N TRP B 331 -5.83 -30.05 -6.14
CA TRP B 331 -6.37 -30.83 -5.02
C TRP B 331 -6.21 -32.33 -5.26
N ASP B 332 -6.42 -32.77 -6.51
CA ASP B 332 -6.24 -34.18 -6.82
C ASP B 332 -4.83 -34.66 -6.51
N GLY B 333 -3.82 -33.85 -6.84
CA GLY B 333 -2.44 -34.25 -6.57
C GLY B 333 -2.10 -34.23 -5.09
N LEU B 334 -2.55 -33.19 -4.37
CA LEU B 334 -2.29 -33.14 -2.95
C LEU B 334 -2.92 -34.33 -2.25
N ALA B 335 -4.15 -34.64 -2.62
CA ALA B 335 -4.84 -35.80 -2.05
C ALA B 335 -4.04 -37.07 -2.30
N ALA B 336 -3.54 -37.25 -3.52
CA ALA B 336 -2.82 -38.50 -3.82
C ALA B 336 -1.54 -38.60 -3.02
N SER B 337 -0.84 -37.47 -2.80
CA SER B 337 0.37 -37.51 -1.99
C SER B 337 0.07 -37.88 -0.55
N ALA B 338 -1.15 -37.66 -0.08
CA ALA B 338 -1.51 -38.02 1.28
C ALA B 338 -2.22 -39.35 1.36
N GLY B 339 -2.23 -40.12 0.26
CA GLY B 339 -2.92 -41.40 0.26
C GLY B 339 -4.42 -41.30 0.14
N LEU B 340 -4.93 -40.21 -0.41
CA LEU B 340 -6.35 -39.94 -0.43
C LEU B 340 -6.82 -39.73 -1.87
N VAL B 341 -8.13 -39.73 -2.03
CA VAL B 341 -8.76 -39.41 -3.31
C VAL B 341 -9.92 -38.44 -3.07
N VAL B 342 -10.04 -37.45 -3.96
CA VAL B 342 -11.22 -36.57 -3.92
C VAL B 342 -12.41 -37.37 -4.43
N GLU B 343 -13.35 -37.66 -3.53
CA GLU B 343 -14.53 -38.46 -3.88
C GLU B 343 -15.63 -37.60 -4.50
N GLU B 344 -15.85 -36.43 -3.91
CA GLU B 344 -16.91 -35.52 -4.41
C GLU B 344 -16.54 -34.07 -4.11
N VAL B 345 -17.05 -33.15 -4.92
CA VAL B 345 -16.86 -31.70 -4.65
C VAL B 345 -18.26 -31.09 -4.62
N ARG B 346 -18.72 -30.68 -3.45
CA ARG B 346 -20.05 -30.04 -3.32
C ARG B 346 -19.88 -28.54 -3.52
N GLN B 347 -20.62 -27.95 -4.45
CA GLN B 347 -20.51 -26.49 -4.70
C GLN B 347 -21.29 -25.71 -3.64
N LEU B 348 -20.73 -24.62 -3.16
CA LEU B 348 -21.40 -23.74 -2.15
C LEU B 348 -21.50 -22.39 -2.83
N PRO B 349 -22.46 -22.23 -3.76
CA PRO B 349 -22.51 -21.02 -4.55
C PRO B 349 -22.88 -19.72 -3.84
N SER B 350 -22.34 -18.68 -4.32
CA SER B 350 -22.81 -17.35 -3.91
C SER B 350 -22.42 -16.31 -4.93
N PRO B 351 -23.35 -15.50 -5.44
CA PRO B 351 -22.95 -14.40 -6.34
C PRO B 351 -22.32 -13.22 -5.63
N THR B 352 -22.41 -13.14 -4.30
CA THR B 352 -21.82 -12.05 -3.55
C THR B 352 -20.78 -12.64 -2.61
N ILE B 353 -19.90 -11.76 -2.12
CA ILE B 353 -18.82 -12.10 -1.19
C ILE B 353 -19.36 -13.06 -0.14
N PRO B 354 -18.67 -14.18 0.16
CA PRO B 354 -17.34 -14.62 -0.27
C PRO B 354 -17.28 -15.40 -1.59
N TYR B 355 -18.33 -15.31 -2.41
CA TYR B 355 -18.51 -15.94 -3.71
C TYR B 355 -18.50 -17.46 -3.59
N ASP B 356 -18.25 -18.14 -4.71
CA ASP B 356 -18.46 -19.58 -4.76
C ASP B 356 -17.33 -20.31 -4.06
N LEU B 357 -17.72 -21.18 -3.12
CA LEU B 357 -16.75 -22.00 -2.39
C LEU B 357 -17.10 -23.47 -2.59
N SER B 358 -16.33 -24.35 -1.99
CA SER B 358 -16.51 -25.77 -2.19
C SER B 358 -16.35 -26.53 -0.89
N LEU B 359 -16.99 -27.68 -0.84
CA LEU B 359 -16.73 -28.69 0.18
C LEU B 359 -16.21 -29.92 -0.55
N LEU B 360 -14.93 -30.20 -0.40
CA LEU B 360 -14.35 -31.37 -1.02
C LEU B 360 -14.41 -32.52 -0.04
N VAL B 361 -14.81 -33.69 -0.52
CA VAL B 361 -14.94 -34.88 0.31
C VAL B 361 -13.86 -35.86 -0.11
N LEU B 362 -12.95 -36.18 0.81
CA LEU B 362 -11.79 -37.00 0.51
C LEU B 362 -11.88 -38.33 1.26
N ALA B 363 -11.47 -39.39 0.60
CA ALA B 363 -11.53 -40.74 1.15
C ALA B 363 -10.17 -41.39 0.98
N PRO B 364 -9.84 -42.39 1.80
CA PRO B 364 -8.58 -43.11 1.56
C PRO B 364 -8.61 -43.77 0.18
N ALA B 365 -7.43 -43.77 -0.43
CA ALA B 365 -7.28 -44.25 -1.79
C ALA B 365 -7.08 -45.76 -1.82
#